data_4UD4
#
_entry.id   4UD4
#
_cell.length_a   58.960
_cell.length_b   62.290
_cell.length_c   65.500
_cell.angle_alpha   76.34
_cell.angle_beta   81.08
_cell.angle_gamma   63.16
#
_symmetry.space_group_name_H-M   'P 1'
#
loop_
_entity.id
_entity.type
_entity.pdbx_description
1 polymer 'POLY(A) RNA POLYMERASE PROTEIN CID1'
2 non-polymer GLYCEROL
3 water water
#
_entity_poly.entity_id   1
_entity_poly.type   'polypeptide(L)'
_entity_poly.pdbx_seq_one_letter_code
;SHKEFTKFCYEVYNEIKISDKEFKEKRAALDTLRLCLKRISPDAELVAFGSLESGLALKNSDMDLCVLMDSRVQSDTIAL
QFYEELIAEGFEGAFLQAARIPIIKLTSDTKNGFGASFQCDIGFNNRLAIHNTLLLSSYTKLDARLKPMVLLVKHWAKRK
QINSPYFGTLSSYGYVLMVLYYLIHVIKPPVFPNLLLSPLKQEKIVDGFDVGFDDKLEDIPPSQNYSSLGSLLHGFFAFY
AYAFEPREKVVTFRRPDGYLTKQEKGWTSATEHTGSADQIIKDRYILAIEDPFEISHNVGRTVSSSGLYRIRGEFMAASR
LLNSRSYPIPYDSLFEEAPIPPRRQKKTDEQSNKKLLNETDGDNSE
;
_entity_poly.pdbx_strand_id   A,B
#
loop_
_chem_comp.id
_chem_comp.type
_chem_comp.name
_chem_comp.formula
GOL non-polymer GLYCEROL 'C3 H8 O3'
#
# COMPACT_ATOMS: atom_id res chain seq x y z
N SER A 1 -21.04 -26.91 37.51
CA SER A 1 -20.23 -25.71 37.37
C SER A 1 -20.30 -25.16 35.95
N HIS A 2 -20.88 -23.97 35.84
CA HIS A 2 -21.00 -23.21 34.59
C HIS A 2 -22.05 -23.75 33.62
N LYS A 3 -22.61 -24.93 33.88
CA LYS A 3 -23.61 -25.48 32.98
C LYS A 3 -24.87 -24.60 32.99
N GLU A 4 -25.29 -24.19 34.18
CA GLU A 4 -26.43 -23.29 34.30
C GLU A 4 -26.08 -21.88 33.80
N PHE A 5 -24.89 -21.39 34.14
CA PHE A 5 -24.47 -20.07 33.67
C PHE A 5 -24.36 -20.07 32.14
N THR A 6 -23.91 -21.19 31.59
CA THR A 6 -23.76 -21.31 30.14
C THR A 6 -25.14 -21.22 29.49
N LYS A 7 -26.12 -21.87 30.10
CA LYS A 7 -27.47 -21.89 29.54
C LYS A 7 -27.99 -20.47 29.51
N PHE A 8 -27.75 -19.76 30.60
CA PHE A 8 -28.14 -18.35 30.73
C PHE A 8 -27.44 -17.50 29.67
N CYS A 9 -26.15 -17.74 29.48
CA CYS A 9 -25.35 -16.98 28.51
C CYS A 9 -25.94 -17.08 27.12
N TYR A 10 -26.23 -18.30 26.68
CA TYR A 10 -26.78 -18.46 25.34
C TYR A 10 -28.17 -17.86 25.20
N GLU A 11 -28.96 -17.93 26.27
CA GLU A 11 -30.29 -17.32 26.24
C GLU A 11 -30.16 -15.82 26.01
N VAL A 12 -29.26 -15.19 26.76
CA VAL A 12 -29.07 -13.73 26.62
C VAL A 12 -28.51 -13.39 25.24
N TYR A 13 -27.55 -14.17 24.79
CA TYR A 13 -26.97 -13.97 23.47
C TYR A 13 -28.03 -13.92 22.37
N ASN A 14 -28.97 -14.86 22.42
CA ASN A 14 -29.98 -14.94 21.36
C ASN A 14 -30.99 -13.80 21.46
N GLU A 15 -31.05 -13.17 22.63
CA GLU A 15 -31.92 -12.01 22.82
C GLU A 15 -31.26 -10.68 22.38
N ILE A 16 -29.94 -10.60 22.51
CA ILE A 16 -29.27 -9.31 22.29
C ILE A 16 -28.60 -9.20 20.92
N LYS A 17 -28.49 -10.32 20.23
CA LYS A 17 -27.84 -10.35 18.92
C LYS A 17 -28.77 -9.70 17.89
N ILE A 18 -28.21 -9.14 16.84
CA ILE A 18 -29.02 -8.39 15.86
C ILE A 18 -30.02 -9.33 15.18
N SER A 19 -31.25 -8.87 15.03
CA SER A 19 -32.29 -9.69 14.43
C SER A 19 -32.12 -9.79 12.92
N ASP A 20 -32.72 -10.81 12.33
CA ASP A 20 -32.68 -11.00 10.88
C ASP A 20 -33.32 -9.82 10.16
N LYS A 21 -34.39 -9.29 10.74
CA LYS A 21 -35.05 -8.13 10.14
C LYS A 21 -34.14 -6.92 10.09
N GLU A 22 -33.44 -6.63 11.19
CA GLU A 22 -32.58 -5.45 11.25
C GLU A 22 -31.39 -5.62 10.32
N PHE A 23 -30.90 -6.85 10.24
CA PHE A 23 -29.74 -7.10 9.40
C PHE A 23 -30.08 -6.86 7.92
N LYS A 24 -31.24 -7.35 7.49
CA LYS A 24 -31.65 -7.15 6.11
C LYS A 24 -31.95 -5.68 5.83
N GLU A 25 -32.34 -4.95 6.87
CA GLU A 25 -32.56 -3.51 6.74
C GLU A 25 -31.23 -2.80 6.54
N LYS A 26 -30.24 -3.16 7.36
CA LYS A 26 -28.91 -2.60 7.22
C LYS A 26 -28.32 -2.99 5.87
N ARG A 27 -28.55 -4.22 5.45
CA ARG A 27 -28.06 -4.62 4.14
C ARG A 27 -28.73 -3.79 3.05
N ALA A 28 -30.02 -3.52 3.19
CA ALA A 28 -30.76 -2.73 2.21
C ALA A 28 -30.26 -1.28 2.18
N ALA A 29 -29.86 -0.77 3.34
CA ALA A 29 -29.27 0.57 3.41
C ALA A 29 -27.94 0.59 2.67
N LEU A 30 -27.10 -0.41 2.93
CA LEU A 30 -25.81 -0.50 2.25
C LEU A 30 -25.96 -0.55 0.74
N ASP A 31 -26.92 -1.34 0.26
CA ASP A 31 -27.16 -1.48 -1.17
C ASP A 31 -27.54 -0.13 -1.80
N THR A 32 -28.32 0.66 -1.08
CA THR A 32 -28.70 2.00 -1.55
C THR A 32 -27.51 2.96 -1.66
N LEU A 33 -26.67 2.97 -0.64
CA LEU A 33 -25.51 3.84 -0.62
C LEU A 33 -24.53 3.44 -1.73
N ARG A 34 -24.43 2.14 -1.97
CA ARG A 34 -23.53 1.60 -3.00
C ARG A 34 -24.03 2.01 -4.38
N LEU A 35 -25.35 2.04 -4.53
CA LEU A 35 -26.00 2.52 -5.74
C LEU A 35 -25.67 3.98 -5.97
N CYS A 36 -25.89 4.80 -4.94
CA CYS A 36 -25.59 6.23 -5.02
C CYS A 36 -24.15 6.47 -5.44
N LEU A 37 -23.23 5.73 -4.83
CA LEU A 37 -21.81 5.86 -5.08
C LEU A 37 -21.43 5.47 -6.52
N LYS A 38 -22.04 4.38 -6.99
CA LYS A 38 -21.75 3.82 -8.32
C LYS A 38 -21.97 4.83 -9.45
N ARG A 39 -22.91 5.75 -9.24
CA ARG A 39 -23.20 6.76 -10.24
C ARG A 39 -22.23 7.92 -10.16
N ILE A 40 -21.71 8.19 -8.98
CA ILE A 40 -20.69 9.23 -8.86
C ILE A 40 -19.35 8.73 -9.42
N SER A 41 -18.97 7.51 -9.08
CA SER A 41 -17.68 6.98 -9.51
C SER A 41 -17.72 5.47 -9.60
N PRO A 42 -17.82 4.94 -10.83
CA PRO A 42 -17.95 3.49 -11.06
C PRO A 42 -16.76 2.70 -10.51
N ASP A 43 -15.56 3.26 -10.58
CA ASP A 43 -14.33 2.58 -10.16
C ASP A 43 -14.17 2.47 -8.64
N ALA A 44 -14.74 3.40 -7.90
CA ALA A 44 -14.69 3.34 -6.44
C ALA A 44 -15.53 2.16 -5.93
N GLU A 45 -15.31 1.77 -4.67
CA GLU A 45 -16.18 0.78 -4.04
C GLU A 45 -16.46 1.08 -2.57
N LEU A 46 -17.63 0.66 -2.11
CA LEU A 46 -18.05 0.93 -0.74
C LEU A 46 -17.98 -0.36 0.07
N VAL A 47 -17.11 -0.37 1.07
CA VAL A 47 -16.85 -1.56 1.87
C VAL A 47 -17.37 -1.33 3.27
N ALA A 48 -18.06 -2.31 3.84
CA ALA A 48 -18.45 -2.16 5.23
C ALA A 48 -17.36 -2.73 6.14
N PHE A 49 -17.14 -2.12 7.30
CA PHE A 49 -16.26 -2.71 8.31
C PHE A 49 -16.91 -2.62 9.69
N GLY A 50 -16.19 -3.02 10.73
CA GLY A 50 -16.73 -2.96 12.07
C GLY A 50 -17.69 -4.09 12.41
N SER A 51 -18.53 -3.88 13.43
CA SER A 51 -19.37 -4.94 13.99
C SER A 51 -20.32 -5.60 13.02
N LEU A 52 -21.02 -4.81 12.21
CA LEU A 52 -21.97 -5.34 11.26
C LEU A 52 -21.29 -6.25 10.25
N GLU A 53 -20.02 -5.96 9.98
CA GLU A 53 -19.32 -6.73 8.98
C GLU A 53 -18.76 -8.03 9.58
N SER A 54 -18.26 -7.97 10.81
CA SER A 54 -17.65 -9.15 11.43
C SER A 54 -18.63 -10.05 12.17
N GLY A 55 -19.90 -9.66 12.25
CA GLY A 55 -20.89 -10.45 12.95
C GLY A 55 -20.87 -10.26 14.46
N LEU A 56 -20.27 -9.17 14.91
CA LEU A 56 -20.18 -8.92 16.34
C LEU A 56 -21.07 -7.74 16.77
N ALA A 57 -22.17 -7.55 16.05
CA ALA A 57 -23.05 -6.41 16.28
C ALA A 57 -24.22 -6.75 17.22
N LEU A 58 -24.52 -5.81 18.11
CA LEU A 58 -25.73 -5.88 18.93
C LEU A 58 -26.90 -5.22 18.20
N LYS A 59 -28.12 -5.43 18.70
CA LYS A 59 -29.31 -4.75 18.18
C LYS A 59 -29.10 -3.26 18.08
N ASN A 60 -29.76 -2.64 17.10
CA ASN A 60 -29.67 -1.19 16.90
C ASN A 60 -28.25 -0.69 16.68
N SER A 61 -27.47 -1.45 15.94
CA SER A 61 -26.08 -1.10 15.62
C SER A 61 -26.04 0.07 14.63
N ASP A 62 -25.00 0.87 14.73
CA ASP A 62 -24.71 1.87 13.70
C ASP A 62 -23.82 1.27 12.62
N MET A 63 -23.73 1.95 11.49
CA MET A 63 -22.98 1.44 10.36
C MET A 63 -21.63 2.13 10.22
N ASP A 64 -20.62 1.37 9.83
CA ASP A 64 -19.31 1.94 9.53
C ASP A 64 -18.85 1.52 8.16
N LEU A 65 -18.75 2.50 7.28
CA LEU A 65 -18.45 2.22 5.88
C LEU A 65 -17.17 2.90 5.45
N CYS A 66 -16.57 2.35 4.41
CA CYS A 66 -15.35 2.89 3.83
C CYS A 66 -15.46 2.96 2.32
N VAL A 67 -15.10 4.11 1.74
CA VAL A 67 -15.01 4.23 0.28
C VAL A 67 -13.55 4.06 -0.17
N LEU A 68 -13.30 3.13 -1.07
CA LEU A 68 -11.97 2.90 -1.66
C LEU A 68 -11.82 3.54 -3.04
N MET A 69 -10.78 4.34 -3.23
CA MET A 69 -10.47 4.97 -4.52
C MET A 69 -8.98 4.94 -4.83
N ASP A 70 -8.61 5.08 -6.10
CA ASP A 70 -7.20 5.19 -6.46
C ASP A 70 -6.61 6.45 -5.83
N SER A 71 -5.35 6.35 -5.41
CA SER A 71 -4.69 7.39 -4.64
C SER A 71 -4.37 8.64 -5.47
N ARG A 72 -4.31 8.50 -6.80
CA ARG A 72 -3.98 9.62 -7.67
C ARG A 72 -5.12 10.63 -7.76
N VAL A 73 -6.36 10.14 -7.63
CA VAL A 73 -7.53 11.00 -7.73
C VAL A 73 -7.79 11.73 -6.42
N GLN A 74 -7.85 13.06 -6.50
CA GLN A 74 -8.16 13.87 -5.33
C GLN A 74 -9.62 13.67 -4.91
N SER A 75 -9.80 13.18 -3.69
CA SER A 75 -11.11 12.75 -3.21
C SER A 75 -12.19 13.84 -3.24
N ASP A 76 -11.79 15.06 -2.89
CA ASP A 76 -12.72 16.17 -2.60
C ASP A 76 -14.02 16.17 -3.38
N THR A 77 -13.92 16.04 -4.71
CA THR A 77 -15.11 16.07 -5.54
C THR A 77 -15.99 14.84 -5.31
N ILE A 78 -15.38 13.66 -5.23
CA ILE A 78 -16.15 12.43 -5.08
C ILE A 78 -16.83 12.31 -3.70
N ALA A 79 -16.10 12.56 -2.62
CA ALA A 79 -16.70 12.51 -1.29
C ALA A 79 -17.87 13.51 -1.18
N LEU A 80 -17.66 14.72 -1.67
CA LEU A 80 -18.69 15.75 -1.54
C LEU A 80 -19.86 15.48 -2.50
N GLN A 81 -19.56 14.97 -3.68
CA GLN A 81 -20.61 14.58 -4.62
C GLN A 81 -21.48 13.51 -4.00
N PHE A 82 -20.83 12.52 -3.40
CA PHE A 82 -21.53 11.43 -2.70
C PHE A 82 -22.41 12.00 -1.58
N TYR A 83 -21.85 12.88 -0.74
CA TYR A 83 -22.64 13.53 0.28
C TYR A 83 -23.86 14.26 -0.31
N GLU A 84 -23.65 15.04 -1.36
CA GLU A 84 -24.76 15.76 -1.99
C GLU A 84 -25.85 14.79 -2.46
N GLU A 85 -25.42 13.64 -2.97
CA GLU A 85 -26.37 12.69 -3.53
C GLU A 85 -27.18 12.05 -2.40
N LEU A 86 -26.50 11.71 -1.30
CA LEU A 86 -27.16 11.15 -0.13
C LEU A 86 -28.19 12.14 0.47
N ILE A 87 -27.82 13.41 0.55
CA ILE A 87 -28.76 14.46 0.96
C ILE A 87 -29.98 14.52 0.02
N ALA A 88 -29.75 14.30 -1.27
CA ALA A 88 -30.83 14.36 -2.25
C ALA A 88 -31.76 13.15 -2.12
N GLU A 89 -31.21 12.03 -1.68
CA GLU A 89 -31.99 10.81 -1.56
C GLU A 89 -32.66 10.68 -0.19
N GLY A 90 -32.55 11.74 0.61
CA GLY A 90 -33.34 11.84 1.83
C GLY A 90 -32.58 11.70 3.14
N PHE A 91 -31.29 11.44 3.09
CA PHE A 91 -30.52 11.36 4.32
C PHE A 91 -30.18 12.76 4.77
N GLU A 92 -29.90 12.88 6.07
CA GLU A 92 -29.42 14.14 6.62
C GLU A 92 -28.10 13.86 7.35
N GLY A 93 -27.36 14.91 7.63
CA GLY A 93 -26.14 14.73 8.39
C GLY A 93 -25.04 15.68 7.97
N ALA A 94 -23.82 15.29 8.30
CA ALA A 94 -22.67 16.16 8.24
C ALA A 94 -21.59 15.69 7.29
N PHE A 95 -20.96 16.66 6.64
CA PHE A 95 -19.72 16.42 5.93
C PHE A 95 -18.64 17.12 6.71
N LEU A 96 -17.62 16.37 7.11
CA LEU A 96 -16.54 16.96 7.88
C LEU A 96 -15.24 16.88 7.11
N GLN A 97 -14.63 18.04 6.89
CA GLN A 97 -13.30 18.10 6.29
C GLN A 97 -12.33 18.53 7.37
N ALA A 98 -11.49 17.59 7.80
CA ALA A 98 -10.62 17.82 8.94
C ALA A 98 -9.25 17.19 8.72
N ALA A 99 -8.22 18.02 8.65
CA ALA A 99 -6.86 17.57 8.39
C ALA A 99 -6.79 16.80 7.06
N ARG A 100 -7.21 17.47 5.98
CA ARG A 100 -7.09 16.97 4.62
C ARG A 100 -7.89 15.70 4.32
N ILE A 101 -8.60 15.19 5.31
CA ILE A 101 -9.42 14.01 5.09
C ILE A 101 -10.89 14.32 5.31
N PRO A 102 -11.74 13.74 4.46
CA PRO A 102 -13.19 13.91 4.53
C PRO A 102 -13.88 12.74 5.23
N ILE A 103 -14.96 13.07 5.94
CA ILE A 103 -15.77 12.07 6.62
C ILE A 103 -17.24 12.44 6.48
N ILE A 104 -18.08 11.46 6.22
CA ILE A 104 -19.51 11.70 6.22
C ILE A 104 -20.16 11.07 7.46
N LYS A 105 -21.00 11.84 8.15
CA LYS A 105 -21.79 11.33 9.27
C LYS A 105 -23.28 11.51 9.02
N LEU A 106 -23.96 10.45 8.60
CA LEU A 106 -25.40 10.49 8.32
C LEU A 106 -26.23 10.25 9.58
N THR A 107 -27.33 11.00 9.72
CA THR A 107 -28.06 11.02 10.98
C THR A 107 -29.56 10.75 10.88
N SER A 108 -30.11 10.79 9.67
CA SER A 108 -31.55 10.62 9.51
C SER A 108 -31.95 10.23 8.09
N ASP A 109 -33.20 9.80 7.92
CA ASP A 109 -33.78 9.46 6.62
C ASP A 109 -35.22 9.97 6.56
N GLY A 113 -36.13 1.34 4.59
CA GLY A 113 -36.46 2.23 5.69
C GLY A 113 -36.18 3.69 5.37
N PHE A 114 -35.29 4.30 6.16
CA PHE A 114 -34.63 3.63 7.28
C PHE A 114 -34.81 4.47 8.54
N GLY A 115 -35.45 5.63 8.37
CA GLY A 115 -35.95 6.42 9.49
C GLY A 115 -34.97 7.37 10.15
N ALA A 116 -35.37 7.86 11.33
CA ALA A 116 -34.51 8.67 12.18
C ALA A 116 -33.60 7.76 13.00
N SER A 117 -33.87 6.46 12.90
CA SER A 117 -33.06 5.44 13.55
C SER A 117 -31.66 5.33 12.95
N PHE A 118 -31.43 6.03 11.84
CA PHE A 118 -30.26 5.77 11.01
C PHE A 118 -29.00 6.56 11.38
N GLN A 119 -27.92 5.84 11.67
CA GLN A 119 -26.63 6.44 11.93
C GLN A 119 -25.50 5.72 11.17
N CYS A 120 -24.92 6.43 10.21
CA CYS A 120 -23.96 5.82 9.31
C CYS A 120 -22.76 6.72 9.12
N ASP A 121 -21.59 6.20 9.46
CA ASP A 121 -20.33 6.91 9.30
C ASP A 121 -19.59 6.40 8.07
N ILE A 122 -19.20 7.31 7.20
CA ILE A 122 -18.51 6.92 5.98
C ILE A 122 -17.15 7.58 5.88
N GLY A 123 -16.11 6.76 5.82
CA GLY A 123 -14.74 7.21 5.66
C GLY A 123 -14.22 6.95 4.25
N PHE A 124 -13.02 7.42 3.98
CA PHE A 124 -12.46 7.33 2.63
C PHE A 124 -11.03 6.78 2.63
N ASN A 125 -10.87 5.60 2.03
CA ASN A 125 -9.60 4.90 2.00
C ASN A 125 -9.09 4.61 3.40
N ASN A 126 -9.99 4.20 4.28
CA ASN A 126 -9.63 3.76 5.63
C ASN A 126 -9.31 2.28 5.56
N ARG A 127 -8.18 1.94 4.95
CA ARG A 127 -7.87 0.54 4.72
C ARG A 127 -7.49 -0.18 6.01
N LEU A 128 -6.93 0.55 6.97
CA LEU A 128 -6.50 -0.10 8.20
C LEU A 128 -7.70 -0.68 8.95
N ALA A 129 -8.81 0.06 8.97
CA ALA A 129 -10.02 -0.42 9.62
C ALA A 129 -10.59 -1.67 8.94
N ILE A 130 -10.50 -1.70 7.62
CA ILE A 130 -10.92 -2.89 6.87
C ILE A 130 -10.09 -4.09 7.30
N HIS A 131 -8.78 -3.91 7.41
CA HIS A 131 -7.92 -5.04 7.81
C HIS A 131 -8.12 -5.45 9.27
N ASN A 132 -8.34 -4.49 10.16
CA ASN A 132 -8.68 -4.82 11.54
C ASN A 132 -9.90 -5.70 11.61
N THR A 133 -10.91 -5.34 10.80
CA THR A 133 -12.14 -6.11 10.80
C THR A 133 -11.94 -7.51 10.21
N LEU A 134 -11.06 -7.63 9.23
CA LEU A 134 -10.76 -8.90 8.61
C LEU A 134 -10.13 -9.86 9.62
N LEU A 135 -9.26 -9.32 10.46
CA LEU A 135 -8.67 -10.15 11.52
C LEU A 135 -9.76 -10.64 12.49
N LEU A 136 -10.61 -9.73 12.94
CA LEU A 136 -11.69 -10.09 13.87
C LEU A 136 -12.66 -11.08 13.24
N SER A 137 -13.04 -10.82 11.98
CA SER A 137 -13.89 -11.75 11.21
C SER A 137 -13.26 -13.15 11.12
N SER A 138 -11.96 -13.21 10.93
CA SER A 138 -11.29 -14.50 10.85
C SER A 138 -11.40 -15.28 12.15
N TYR A 139 -11.15 -14.59 13.26
CA TYR A 139 -11.27 -15.29 14.52
C TYR A 139 -12.71 -15.76 14.79
N THR A 140 -13.72 -14.98 14.40
CA THR A 140 -15.09 -15.42 14.65
C THR A 140 -15.41 -16.66 13.80
N LYS A 141 -14.77 -16.78 12.65
CA LYS A 141 -14.95 -17.99 11.82
C LYS A 141 -14.22 -19.21 12.36
N LEU A 142 -13.18 -18.97 13.14
CA LEU A 142 -12.34 -20.05 13.65
C LEU A 142 -12.98 -20.81 14.82
N ASP A 143 -13.75 -20.12 15.66
CA ASP A 143 -14.37 -20.80 16.81
C ASP A 143 -15.74 -20.21 17.13
N ALA A 144 -16.75 -21.08 17.21
CA ALA A 144 -18.14 -20.62 17.38
C ALA A 144 -18.41 -19.93 18.71
N ARG A 145 -17.55 -20.15 19.69
CA ARG A 145 -17.75 -19.54 21.00
C ARG A 145 -17.48 -18.04 21.02
N LEU A 146 -16.71 -17.55 20.05
CA LEU A 146 -16.25 -16.18 20.13
C LEU A 146 -17.39 -15.15 19.97
N LYS A 147 -18.25 -15.35 18.98
CA LYS A 147 -19.31 -14.36 18.74
C LYS A 147 -20.20 -14.16 19.99
N PRO A 148 -20.74 -15.24 20.59
CA PRO A 148 -21.55 -14.94 21.77
C PRO A 148 -20.75 -14.37 22.95
N MET A 149 -19.49 -14.79 23.11
CA MET A 149 -18.66 -14.24 24.16
C MET A 149 -18.49 -12.74 23.97
N VAL A 150 -18.18 -12.33 22.75
CA VAL A 150 -18.00 -10.90 22.47
C VAL A 150 -19.30 -10.12 22.68
N LEU A 151 -20.41 -10.64 22.16
CA LEU A 151 -21.67 -9.93 22.34
C LEU A 151 -22.03 -9.77 23.81
N LEU A 152 -21.79 -10.80 24.61
CA LEU A 152 -22.15 -10.75 26.04
C LEU A 152 -21.26 -9.75 26.79
N VAL A 153 -19.98 -9.75 26.46
CA VAL A 153 -19.06 -8.76 27.06
C VAL A 153 -19.44 -7.34 26.63
N LYS A 154 -19.77 -7.15 25.35
CA LYS A 154 -20.15 -5.79 24.90
C LYS A 154 -21.44 -5.31 25.61
N HIS A 155 -22.38 -6.23 25.78
CA HIS A 155 -23.64 -5.95 26.44
C HIS A 155 -23.41 -5.58 27.91
N TRP A 156 -22.61 -6.38 28.58
CA TRP A 156 -22.20 -6.09 29.95
C TRP A 156 -21.52 -4.70 30.05
N ALA A 157 -20.56 -4.41 29.16
CA ALA A 157 -19.81 -3.14 29.26
C ALA A 157 -20.72 -1.96 29.02
N LYS A 158 -21.61 -2.08 28.04
CA LYS A 158 -22.60 -1.04 27.83
C LYS A 158 -23.54 -0.84 29.02
N ARG A 159 -24.06 -1.93 29.59
CA ARG A 159 -24.99 -1.85 30.72
C ARG A 159 -24.33 -1.32 32.00
N LYS A 160 -23.03 -1.53 32.13
CA LYS A 160 -22.32 -1.09 33.33
C LYS A 160 -21.66 0.27 33.14
N GLN A 161 -21.95 0.91 32.01
CA GLN A 161 -21.48 2.28 31.72
C GLN A 161 -19.96 2.35 31.67
N ILE A 162 -19.31 1.31 31.16
CA ILE A 162 -17.85 1.38 31.02
C ILE A 162 -17.42 1.27 29.58
N ASN A 163 -18.34 1.63 28.69
CA ASN A 163 -18.15 1.52 27.25
C ASN A 163 -18.26 2.92 26.61
N SER A 164 -17.73 3.92 27.32
CA SER A 164 -17.82 5.31 26.86
C SER A 164 -16.46 5.97 26.76
N PRO A 165 -15.81 5.85 25.59
CA PRO A 165 -14.47 6.43 25.45
C PRO A 165 -14.43 7.94 25.61
N TYR A 166 -15.57 8.61 25.46
CA TYR A 166 -15.61 10.06 25.63
C TYR A 166 -15.76 10.45 27.10
N PHE A 167 -16.24 9.53 27.92
CA PHE A 167 -16.32 9.72 29.37
C PHE A 167 -15.29 8.86 30.11
N GLY A 168 -14.15 8.57 29.48
CA GLY A 168 -13.03 8.03 30.21
C GLY A 168 -12.98 6.51 30.29
N THR A 169 -13.87 5.81 29.60
CA THR A 169 -13.71 4.35 29.59
C THR A 169 -13.41 3.85 28.19
N LEU A 170 -13.81 2.62 27.86
CA LEU A 170 -13.17 1.90 26.76
C LEU A 170 -14.11 1.61 25.58
N SER A 171 -13.57 1.70 24.37
CA SER A 171 -14.36 1.47 23.17
C SER A 171 -14.73 0.00 23.07
N SER A 172 -15.78 -0.31 22.32
CA SER A 172 -16.15 -1.70 22.11
C SER A 172 -15.01 -2.52 21.50
N TYR A 173 -14.28 -1.91 20.58
CA TYR A 173 -13.14 -2.61 19.95
C TYR A 173 -12.09 -2.99 21.00
N GLY A 174 -11.89 -2.09 21.96
CA GLY A 174 -11.02 -2.37 23.09
C GLY A 174 -11.43 -3.65 23.81
N TYR A 175 -12.72 -3.79 24.11
CA TYR A 175 -13.18 -4.99 24.82
C TYR A 175 -13.02 -6.23 23.96
N VAL A 176 -13.26 -6.10 22.64
CA VAL A 176 -13.06 -7.25 21.75
C VAL A 176 -11.58 -7.69 21.82
N LEU A 177 -10.66 -6.73 21.80
CA LEU A 177 -9.24 -7.09 21.88
C LEU A 177 -8.92 -7.71 23.25
N MET A 178 -9.56 -7.22 24.32
CA MET A 178 -9.32 -7.85 25.64
C MET A 178 -9.79 -9.32 25.63
N VAL A 179 -10.92 -9.57 25.00
CA VAL A 179 -11.43 -10.94 24.85
C VAL A 179 -10.45 -11.77 24.05
N LEU A 180 -10.00 -11.26 22.89
CA LEU A 180 -9.12 -12.07 22.02
C LEU A 180 -7.78 -12.35 22.72
N TYR A 181 -7.26 -11.34 23.42
CA TYR A 181 -6.01 -11.54 24.14
C TYR A 181 -6.15 -12.68 25.16
N TYR A 182 -7.25 -12.66 25.90
CA TYR A 182 -7.51 -13.67 26.90
C TYR A 182 -7.58 -15.08 26.24
N LEU A 183 -8.26 -15.17 25.10
CA LEU A 183 -8.49 -16.48 24.44
C LEU A 183 -7.24 -17.03 23.77
N ILE A 184 -6.34 -16.13 23.38
CA ILE A 184 -5.12 -16.54 22.71
C ILE A 184 -4.00 -16.80 23.71
N HIS A 185 -3.80 -15.84 24.60
CA HIS A 185 -2.58 -15.83 25.40
C HIS A 185 -2.74 -16.12 26.89
N VAL A 186 -3.96 -16.16 27.39
CA VAL A 186 -4.11 -16.37 28.83
C VAL A 186 -4.65 -17.76 29.14
N ILE A 187 -5.79 -18.09 28.55
CA ILE A 187 -6.44 -19.35 28.89
C ILE A 187 -5.60 -20.53 28.42
N LYS A 188 -5.57 -21.57 29.25
CA LYS A 188 -4.85 -22.81 28.92
C LYS A 188 -5.81 -24.00 29.04
N PRO A 189 -5.93 -24.81 27.98
CA PRO A 189 -5.29 -24.65 26.67
C PRO A 189 -5.83 -23.43 25.94
N PRO A 190 -5.02 -22.86 25.04
CA PRO A 190 -5.51 -21.71 24.28
C PRO A 190 -6.76 -22.05 23.48
N VAL A 191 -7.68 -21.10 23.37
CA VAL A 191 -8.83 -21.29 22.50
C VAL A 191 -8.40 -21.11 21.04
N PHE A 192 -7.48 -20.16 20.84
CA PHE A 192 -7.05 -19.65 19.53
C PHE A 192 -5.56 -19.59 19.44
N PRO A 193 -4.99 -19.80 18.25
CA PRO A 193 -3.60 -19.42 18.03
C PRO A 193 -3.50 -17.93 17.73
N ASN A 194 -2.29 -17.39 17.83
CA ASN A 194 -2.05 -16.01 17.41
C ASN A 194 -1.75 -16.02 15.91
N LEU A 195 -2.70 -15.53 15.12
CA LEU A 195 -2.53 -15.58 13.66
C LEU A 195 -1.44 -14.62 13.14
N LEU A 196 -1.10 -13.58 13.91
CA LEU A 196 -0.04 -12.67 13.48
C LEU A 196 1.34 -13.27 13.62
N LEU A 197 1.51 -14.11 14.65
CA LEU A 197 2.81 -14.69 14.97
C LEU A 197 3.05 -16.07 14.36
N SER A 198 2.02 -16.60 13.67
CA SER A 198 2.14 -17.88 12.99
C SER A 198 3.31 -17.89 12.01
N PRO A 199 3.97 -19.05 11.86
CA PRO A 199 5.06 -19.18 10.89
C PRO A 199 4.58 -19.03 9.44
N LEU A 200 3.28 -19.16 9.25
CA LEU A 200 2.68 -19.08 7.92
C LEU A 200 2.29 -17.65 7.57
N LYS A 201 2.34 -16.76 8.55
CA LYS A 201 2.03 -15.36 8.30
C LYS A 201 3.00 -14.75 7.28
N GLN A 202 2.46 -14.05 6.29
CA GLN A 202 3.27 -13.32 5.34
C GLN A 202 3.09 -11.83 5.54
N GLU A 203 4.19 -11.09 5.47
CA GLU A 203 4.16 -9.63 5.54
C GLU A 203 3.27 -9.06 4.45
N LYS A 204 2.38 -8.15 4.84
CA LYS A 204 1.56 -7.42 3.88
C LYS A 204 1.50 -5.96 4.30
N ILE A 205 2.15 -5.10 3.54
CA ILE A 205 2.27 -3.70 3.94
C ILE A 205 1.13 -2.89 3.34
N VAL A 206 0.30 -2.33 4.21
CA VAL A 206 -0.79 -1.46 3.80
C VAL A 206 -0.71 -0.14 4.57
N ASP A 207 -0.57 0.97 3.86
CA ASP A 207 -0.47 2.29 4.47
C ASP A 207 0.53 2.33 5.61
N GLY A 208 1.74 1.82 5.34
CA GLY A 208 2.83 1.89 6.29
C GLY A 208 2.80 0.91 7.45
N PHE A 209 1.84 -0.01 7.45
CA PHE A 209 1.79 -1.02 8.51
C PHE A 209 1.68 -2.42 7.94
N ASP A 210 2.20 -3.40 8.69
CA ASP A 210 2.05 -4.80 8.32
C ASP A 210 0.72 -5.34 8.84
N VAL A 211 -0.20 -5.62 7.90
CA VAL A 211 -1.49 -6.17 8.26
C VAL A 211 -1.55 -7.65 7.94
N GLY A 212 -0.40 -8.25 7.71
CA GLY A 212 -0.32 -9.68 7.47
C GLY A 212 -0.72 -10.56 8.64
N PHE A 213 -1.45 -11.63 8.35
CA PHE A 213 -1.71 -12.68 9.33
C PHE A 213 -2.04 -13.98 8.60
N ASP A 214 -1.95 -15.11 9.32
CA ASP A 214 -2.29 -16.40 8.74
C ASP A 214 -3.79 -16.50 8.53
N ASP A 215 -4.24 -16.36 7.29
CA ASP A 215 -5.66 -16.32 7.01
C ASP A 215 -6.21 -17.56 6.28
N LYS A 216 -5.36 -18.57 6.09
CA LYS A 216 -5.82 -19.86 5.56
C LYS A 216 -6.41 -20.65 6.71
N LEU A 217 -7.65 -20.34 7.04
CA LEU A 217 -8.29 -20.83 8.24
C LEU A 217 -8.60 -22.32 8.15
N GLU A 218 -8.80 -22.80 6.93
CA GLU A 218 -9.14 -24.20 6.67
C GLU A 218 -8.10 -25.17 7.24
N ASP A 219 -6.84 -24.74 7.22
CA ASP A 219 -5.73 -25.59 7.63
C ASP A 219 -5.46 -25.55 9.12
N ILE A 220 -6.11 -24.63 9.83
CA ILE A 220 -5.94 -24.54 11.27
C ILE A 220 -6.74 -25.64 11.96
N PRO A 221 -6.08 -26.38 12.85
CA PRO A 221 -6.77 -27.50 13.53
C PRO A 221 -7.82 -27.00 14.53
N PRO A 222 -8.78 -27.87 14.90
CA PRO A 222 -9.79 -27.54 15.90
C PRO A 222 -9.13 -27.06 17.17
N SER A 223 -9.79 -26.16 17.87
CA SER A 223 -9.30 -25.70 19.18
C SER A 223 -9.01 -26.86 20.11
N GLN A 224 -7.96 -26.75 20.91
CA GLN A 224 -7.70 -27.77 21.94
C GLN A 224 -8.36 -27.44 23.28
N ASN A 225 -9.09 -26.32 23.30
CA ASN A 225 -9.86 -25.96 24.47
C ASN A 225 -11.31 -26.37 24.28
N TYR A 226 -11.83 -27.17 25.23
CA TYR A 226 -13.17 -27.74 25.11
C TYR A 226 -14.14 -27.19 26.14
N SER A 227 -13.77 -26.07 26.75
CA SER A 227 -14.60 -25.47 27.79
C SER A 227 -15.87 -24.78 27.25
N SER A 228 -16.88 -24.71 28.11
CA SER A 228 -18.14 -24.07 27.78
C SER A 228 -18.00 -22.56 27.68
N LEU A 229 -18.98 -21.94 27.03
CA LEU A 229 -19.03 -20.48 26.97
C LEU A 229 -19.02 -19.89 28.37
N GLY A 230 -19.79 -20.50 29.27
CA GLY A 230 -19.86 -20.03 30.66
C GLY A 230 -18.49 -20.04 31.34
N SER A 231 -17.78 -21.15 31.16
CA SER A 231 -16.44 -21.30 31.71
C SER A 231 -15.47 -20.25 31.18
N LEU A 232 -15.53 -19.99 29.87
CA LEU A 232 -14.69 -18.97 29.23
C LEU A 232 -14.95 -17.60 29.81
N LEU A 233 -16.22 -17.28 29.94
CA LEU A 233 -16.61 -15.94 30.45
C LEU A 233 -16.18 -15.78 31.89
N HIS A 234 -16.43 -16.81 32.68
CA HIS A 234 -16.01 -16.86 34.07
C HIS A 234 -14.51 -16.57 34.20
N GLY A 235 -13.73 -17.21 33.32
CA GLY A 235 -12.30 -17.04 33.28
C GLY A 235 -11.85 -15.64 32.87
N PHE A 236 -12.53 -15.09 31.86
CA PHE A 236 -12.22 -13.76 31.33
C PHE A 236 -12.43 -12.68 32.40
N PHE A 237 -13.56 -12.74 33.09
CA PHE A 237 -13.84 -11.74 34.12
C PHE A 237 -12.81 -11.85 35.24
N ALA A 238 -12.50 -13.08 35.66
CA ALA A 238 -11.54 -13.27 36.74
C ALA A 238 -10.14 -12.77 36.37
N PHE A 239 -9.73 -12.96 35.11
CA PHE A 239 -8.39 -12.56 34.69
C PHE A 239 -8.25 -11.03 34.82
N TYR A 240 -9.18 -10.30 34.21
CA TYR A 240 -9.06 -8.84 34.29
C TYR A 240 -9.44 -8.22 35.64
N ALA A 241 -10.22 -8.94 36.45
CA ALA A 241 -10.51 -8.49 37.82
C ALA A 241 -9.29 -8.58 38.76
N TYR A 242 -8.52 -9.66 38.61
CA TYR A 242 -7.50 -9.97 39.63
C TYR A 242 -6.08 -10.13 39.10
N ALA A 243 -5.90 -10.81 37.98
CA ALA A 243 -4.57 -11.20 37.53
C ALA A 243 -3.88 -10.16 36.67
N PHE A 244 -4.62 -9.53 35.77
CA PHE A 244 -4.04 -8.53 34.88
C PHE A 244 -3.58 -7.35 35.70
N GLU A 245 -2.36 -6.88 35.45
CA GLU A 245 -1.85 -5.72 36.17
C GLU A 245 -1.75 -4.53 35.23
N PRO A 246 -2.80 -3.70 35.21
CA PRO A 246 -2.83 -2.60 34.24
C PRO A 246 -1.80 -1.51 34.52
N ARG A 247 -1.23 -1.41 35.72
CA ARG A 247 -0.18 -0.42 35.96
C ARG A 247 1.09 -0.74 35.16
N GLU A 248 1.31 -2.02 34.88
CA GLU A 248 2.61 -2.49 34.39
C GLU A 248 2.57 -3.15 33.01
N LYS A 249 1.44 -3.77 32.69
CA LYS A 249 1.38 -4.67 31.53
C LYS A 249 0.58 -4.12 30.35
N VAL A 250 0.86 -4.64 29.17
CA VAL A 250 0.23 -4.19 27.93
C VAL A 250 -0.46 -5.38 27.29
N VAL A 251 -1.76 -5.27 26.99
CA VAL A 251 -2.46 -6.27 26.17
C VAL A 251 -1.84 -6.20 24.77
N THR A 252 -1.32 -7.31 24.26
CA THR A 252 -0.55 -7.28 23.02
C THR A 252 -0.78 -8.56 22.23
N PHE A 253 -0.70 -8.45 20.91
CA PHE A 253 -0.76 -9.59 19.99
C PHE A 253 0.58 -9.79 19.30
N ARG A 254 1.62 -9.17 19.83
CA ARG A 254 2.93 -9.18 19.18
C ARG A 254 4.02 -9.98 19.93
N ARG A 255 3.64 -10.66 21.02
CA ARG A 255 4.60 -11.48 21.77
C ARG A 255 4.14 -12.94 21.86
N PRO A 256 5.04 -13.88 21.56
CA PRO A 256 4.67 -15.31 21.57
C PRO A 256 4.04 -15.73 22.90
N ASP A 257 4.50 -15.17 24.01
CA ASP A 257 3.96 -15.51 25.32
C ASP A 257 2.93 -14.49 25.83
N GLY A 258 2.61 -13.48 25.03
CA GLY A 258 1.68 -12.45 25.45
C GLY A 258 2.20 -11.49 26.51
N TYR A 259 3.49 -11.56 26.81
CA TYR A 259 4.10 -10.76 27.87
C TYR A 259 4.78 -9.51 27.33
N LEU A 260 4.33 -8.35 27.82
CA LEU A 260 4.88 -7.07 27.43
C LEU A 260 4.61 -6.04 28.51
N THR A 261 5.65 -5.41 29.03
CA THR A 261 5.44 -4.36 30.02
C THR A 261 5.35 -3.00 29.35
N LYS A 262 4.75 -2.04 30.05
CA LYS A 262 4.71 -0.66 29.57
C LYS A 262 6.11 -0.08 29.42
N GLN A 263 7.02 -0.49 30.30
CA GLN A 263 8.38 0.05 30.23
C GLN A 263 9.05 -0.46 28.96
N GLU A 264 8.88 -1.74 28.69
CA GLU A 264 9.46 -2.35 27.50
C GLU A 264 8.88 -1.74 26.24
N LYS A 265 7.56 -1.52 26.26
CA LYS A 265 6.86 -0.92 25.15
C LYS A 265 7.23 0.55 25.00
N GLY A 266 7.50 1.20 26.13
CA GLY A 266 7.77 2.62 26.14
C GLY A 266 6.50 3.43 26.35
N TRP A 267 5.51 2.83 27.00
CA TRP A 267 4.21 3.47 27.24
C TRP A 267 3.97 3.75 28.71
N THR A 268 4.81 4.59 29.30
CA THR A 268 4.70 4.86 30.73
C THR A 268 3.78 6.03 31.03
N LYS A 282 -4.04 14.17 23.53
CA LYS A 282 -3.77 13.61 24.85
C LYS A 282 -3.92 12.07 24.83
N ASP A 283 -2.80 11.36 24.72
CA ASP A 283 -2.80 9.90 24.78
C ASP A 283 -2.38 9.38 26.16
N ARG A 284 -3.30 8.72 26.84
CA ARG A 284 -3.02 8.11 28.14
C ARG A 284 -2.52 6.69 27.94
N TYR A 285 -1.81 6.16 28.93
CA TYR A 285 -1.45 4.74 28.92
C TYR A 285 -1.86 4.07 30.22
N ILE A 286 -2.87 4.63 30.87
CA ILE A 286 -3.39 4.10 32.11
C ILE A 286 -3.85 2.66 31.92
N LEU A 287 -4.64 2.43 30.87
CA LEU A 287 -4.89 1.08 30.34
C LEU A 287 -4.22 0.99 28.99
N ALA A 288 -3.38 -0.03 28.80
CA ALA A 288 -2.58 -0.13 27.59
C ALA A 288 -3.00 -1.35 26.78
N ILE A 289 -3.53 -1.09 25.58
CA ILE A 289 -3.95 -2.16 24.66
C ILE A 289 -3.33 -1.84 23.30
N GLU A 290 -2.33 -2.61 22.92
CA GLU A 290 -1.62 -2.36 21.67
C GLU A 290 -2.44 -2.85 20.47
N ASP A 291 -2.84 -1.95 19.58
CA ASP A 291 -3.55 -2.38 18.37
CA ASP A 291 -3.55 -2.33 18.35
C ASP A 291 -2.70 -3.36 17.60
N PRO A 292 -3.29 -4.51 17.18
CA PRO A 292 -2.45 -5.55 16.59
C PRO A 292 -1.70 -5.14 15.31
N PHE A 293 -2.27 -4.26 14.48
CA PHE A 293 -1.57 -3.85 13.26
C PHE A 293 -0.94 -2.48 13.40
N GLU A 294 -1.70 -1.53 13.93
CA GLU A 294 -1.17 -0.19 14.14
C GLU A 294 -0.58 -0.12 15.54
N ILE A 295 0.61 -0.71 15.72
CA ILE A 295 1.11 -0.98 17.06
C ILE A 295 1.51 0.29 17.84
N SER A 296 1.55 1.43 17.18
CA SER A 296 1.83 2.69 17.86
C SER A 296 0.58 3.30 18.48
N HIS A 297 -0.58 2.68 18.23
CA HIS A 297 -1.84 3.18 18.77
CA HIS A 297 -1.84 3.18 18.75
C HIS A 297 -2.28 2.39 19.99
N ASN A 298 -2.51 3.10 21.10
CA ASN A 298 -3.07 2.47 22.28
C ASN A 298 -4.58 2.59 22.25
N VAL A 299 -5.26 1.45 22.02
CA VAL A 299 -6.71 1.44 21.96
C VAL A 299 -7.30 1.87 23.31
N GLY A 300 -6.52 1.75 24.38
CA GLY A 300 -6.98 2.16 25.68
C GLY A 300 -6.67 3.61 26.03
N ARG A 301 -6.27 4.41 25.04
CA ARG A 301 -5.83 5.80 25.28
C ARG A 301 -6.93 6.69 25.87
N THR A 302 -8.18 6.26 25.72
CA THR A 302 -9.32 7.03 26.20
C THR A 302 -9.61 6.82 27.68
N VAL A 303 -9.01 5.78 28.26
CA VAL A 303 -9.32 5.39 29.62
C VAL A 303 -8.57 6.27 30.62
N SER A 304 -9.32 6.87 31.54
CA SER A 304 -8.77 7.75 32.57
C SER A 304 -8.54 6.98 33.87
N SER A 305 -7.98 7.63 34.89
CA SER A 305 -7.80 6.96 36.17
C SER A 305 -9.12 6.49 36.76
N SER A 306 -10.12 7.39 36.74
CA SER A 306 -11.41 7.09 37.34
C SER A 306 -12.11 6.04 36.49
N GLY A 307 -11.89 6.09 35.18
CA GLY A 307 -12.48 5.12 34.27
C GLY A 307 -11.95 3.72 34.50
N LEU A 308 -10.63 3.59 34.66
CA LEU A 308 -10.03 2.29 34.93
C LEU A 308 -10.54 1.76 36.27
N TYR A 309 -10.69 2.66 37.23
CA TYR A 309 -11.21 2.29 38.53
C TYR A 309 -12.59 1.63 38.39
N ARG A 310 -13.46 2.24 37.59
CA ARG A 310 -14.80 1.68 37.37
C ARG A 310 -14.74 0.39 36.55
N ILE A 311 -13.86 0.34 35.57
CA ILE A 311 -13.72 -0.88 34.75
C ILE A 311 -13.27 -2.03 35.64
N ARG A 312 -12.21 -1.81 36.42
CA ARG A 312 -11.70 -2.85 37.31
C ARG A 312 -12.76 -3.24 38.33
N GLY A 313 -13.44 -2.22 38.89
CA GLY A 313 -14.54 -2.45 39.81
C GLY A 313 -15.62 -3.37 39.26
N GLU A 314 -15.97 -3.16 37.99
CA GLU A 314 -17.02 -3.97 37.39
C GLU A 314 -16.53 -5.40 37.06
N PHE A 315 -15.26 -5.55 36.70
CA PHE A 315 -14.70 -6.90 36.50
C PHE A 315 -14.77 -7.67 37.82
N MET A 316 -14.40 -7.02 38.92
CA MET A 316 -14.47 -7.70 40.21
C MET A 316 -15.90 -8.04 40.59
N ALA A 317 -16.84 -7.13 40.32
CA ALA A 317 -18.24 -7.39 40.69
C ALA A 317 -18.78 -8.57 39.88
N ALA A 318 -18.39 -8.62 38.61
CA ALA A 318 -18.83 -9.72 37.74
C ALA A 318 -18.26 -11.05 38.26
N SER A 319 -16.98 -11.06 38.58
CA SER A 319 -16.36 -12.30 39.02
C SER A 319 -16.92 -12.73 40.37
N ARG A 320 -17.15 -11.78 41.28
CA ARG A 320 -17.73 -12.10 42.58
C ARG A 320 -19.14 -12.70 42.46
N LEU A 321 -19.93 -12.16 41.53
CA LEU A 321 -21.28 -12.66 41.29
C LEU A 321 -21.20 -14.12 40.87
N LEU A 322 -20.31 -14.39 39.93
CA LEU A 322 -20.23 -15.72 39.33
C LEU A 322 -19.68 -16.75 40.33
N ASN A 323 -19.09 -16.28 41.42
CA ASN A 323 -18.58 -17.21 42.42
C ASN A 323 -19.35 -17.13 43.74
N SER A 324 -20.61 -16.73 43.66
CA SER A 324 -21.45 -16.56 44.85
C SER A 324 -21.68 -17.87 45.57
N ARG A 325 -21.73 -17.81 46.90
CA ARG A 325 -22.07 -18.98 47.70
C ARG A 325 -23.58 -19.17 47.70
N SER A 326 -24.30 -18.05 47.64
CA SER A 326 -25.76 -18.06 47.62
C SER A 326 -26.32 -18.70 46.35
N TYR A 327 -27.24 -19.63 46.55
CA TYR A 327 -27.95 -20.29 45.45
C TYR A 327 -29.44 -20.06 45.58
N PRO A 328 -30.13 -19.78 44.46
CA PRO A 328 -29.58 -19.68 43.10
C PRO A 328 -28.92 -18.34 42.82
N ILE A 329 -27.99 -18.33 41.88
CA ILE A 329 -27.22 -17.12 41.58
C ILE A 329 -28.06 -16.22 40.68
N PRO A 330 -28.19 -14.94 41.06
CA PRO A 330 -28.97 -14.00 40.26
C PRO A 330 -28.20 -13.55 39.03
N TYR A 331 -28.03 -14.44 38.05
CA TYR A 331 -27.19 -14.14 36.88
C TYR A 331 -27.61 -12.86 36.15
N ASP A 332 -28.90 -12.53 36.18
CA ASP A 332 -29.38 -11.32 35.52
C ASP A 332 -28.70 -10.04 35.99
N SER A 333 -28.23 -10.03 37.24
CA SER A 333 -27.49 -8.89 37.78
C SER A 333 -26.32 -8.48 36.91
N LEU A 334 -25.74 -9.46 36.19
CA LEU A 334 -24.59 -9.20 35.35
C LEU A 334 -24.86 -8.12 34.30
N PHE A 335 -26.10 -8.03 33.84
CA PHE A 335 -26.45 -7.10 32.77
C PHE A 335 -27.42 -6.04 33.27
N GLU A 336 -27.52 -5.93 34.58
CA GLU A 336 -28.30 -4.89 35.24
C GLU A 336 -27.67 -3.51 35.03
N GLU A 337 -28.48 -2.54 34.63
CA GLU A 337 -27.99 -1.20 34.33
C GLU A 337 -27.38 -0.54 35.56
N ALA A 338 -26.13 -0.10 35.43
CA ALA A 338 -25.45 0.60 36.52
C ALA A 338 -26.02 2.00 36.68
N PRO A 339 -25.84 2.62 37.87
CA PRO A 339 -26.25 4.02 38.01
C PRO A 339 -25.35 4.96 37.21
N ILE A 340 -25.53 6.26 37.39
CA ILE A 340 -24.79 7.28 36.64
C ILE A 340 -24.95 7.08 35.13
N HIS B 2 16.46 10.92 6.63
CA HIS B 2 17.17 10.28 5.51
C HIS B 2 18.55 10.88 5.28
N LYS B 3 19.11 11.59 6.25
CA LYS B 3 20.37 12.28 6.00
C LYS B 3 21.53 11.30 5.71
N GLU B 4 21.65 10.21 6.48
CA GLU B 4 22.70 9.23 6.22
C GLU B 4 22.51 8.53 4.86
N PHE B 5 21.27 8.20 4.53
CA PHE B 5 20.99 7.57 3.23
C PHE B 5 21.28 8.56 2.10
N THR B 6 20.91 9.83 2.27
CA THR B 6 21.18 10.84 1.26
C THR B 6 22.68 10.99 1.02
N LYS B 7 23.46 11.01 2.11
CA LYS B 7 24.91 11.08 1.97
C LYS B 7 25.44 9.88 1.17
N PHE B 8 24.97 8.69 1.51
CA PHE B 8 25.32 7.46 0.81
C PHE B 8 24.96 7.59 -0.67
N CYS B 9 23.78 8.12 -0.95
CA CYS B 9 23.31 8.20 -2.35
C CYS B 9 24.22 9.09 -3.18
N TYR B 10 24.60 10.25 -2.66
CA TYR B 10 25.46 11.14 -3.43
C TYR B 10 26.87 10.59 -3.55
N GLU B 11 27.36 9.90 -2.53
CA GLU B 11 28.68 9.33 -2.62
C GLU B 11 28.72 8.19 -3.67
N VAL B 12 27.63 7.42 -3.77
CA VAL B 12 27.56 6.35 -4.77
C VAL B 12 27.42 6.98 -6.16
N TYR B 13 26.59 8.03 -6.25
CA TYR B 13 26.46 8.77 -7.51
C TYR B 13 27.83 9.23 -8.07
N ASN B 14 28.69 9.78 -7.21
CA ASN B 14 29.98 10.29 -7.69
C ASN B 14 30.86 9.15 -8.21
N GLU B 15 30.59 7.93 -7.74
CA GLU B 15 31.34 6.73 -8.14
C GLU B 15 30.81 6.08 -9.42
N ILE B 16 29.54 6.28 -9.72
CA ILE B 16 28.93 5.58 -10.86
C ILE B 16 28.66 6.48 -12.06
N LYS B 17 28.81 7.81 -11.89
CA LYS B 17 28.66 8.72 -13.03
C LYS B 17 29.90 8.63 -13.93
N ILE B 18 29.77 8.95 -15.22
CA ILE B 18 30.93 8.88 -16.09
C ILE B 18 31.80 10.12 -16.02
N SER B 19 33.09 9.92 -16.24
CA SER B 19 34.04 11.02 -16.22
C SER B 19 33.98 11.78 -17.54
N ASP B 20 34.66 12.92 -17.60
CA ASP B 20 34.71 13.69 -18.83
C ASP B 20 35.44 12.92 -19.93
N LYS B 21 36.53 12.27 -19.55
CA LYS B 21 37.30 11.43 -20.44
C LYS B 21 36.43 10.34 -21.07
N GLU B 22 35.69 9.62 -20.22
CA GLU B 22 34.84 8.51 -20.66
C GLU B 22 33.70 9.01 -21.55
N PHE B 23 33.18 10.19 -21.23
CA PHE B 23 32.18 10.82 -22.10
C PHE B 23 32.71 10.99 -23.52
N LYS B 24 33.94 11.49 -23.62
CA LYS B 24 34.54 11.77 -24.93
C LYS B 24 34.86 10.48 -25.67
N GLU B 25 35.27 9.45 -24.94
CA GLU B 25 35.53 8.15 -25.56
C GLU B 25 34.24 7.54 -26.09
N LYS B 26 33.17 7.65 -25.29
CA LYS B 26 31.90 7.06 -25.64
C LYS B 26 31.26 7.81 -26.81
N ARG B 27 31.44 9.13 -26.86
CA ARG B 27 30.93 9.90 -27.97
C ARG B 27 31.67 9.51 -29.25
N ALA B 28 32.98 9.29 -29.14
CA ALA B 28 33.79 8.87 -30.28
C ALA B 28 33.34 7.51 -30.79
N ALA B 29 33.07 6.59 -29.85
CA ALA B 29 32.59 5.26 -30.20
C ALA B 29 31.24 5.35 -30.93
N LEU B 30 30.38 6.22 -30.45
CA LEU B 30 29.10 6.47 -31.10
C LEU B 30 29.29 6.97 -32.53
N ASP B 31 30.25 7.86 -32.74
CA ASP B 31 30.56 8.35 -34.09
C ASP B 31 31.03 7.22 -35.00
N THR B 32 31.84 6.32 -34.46
CA THR B 32 32.31 5.18 -35.23
C THR B 32 31.16 4.23 -35.59
N LEU B 33 30.24 4.01 -34.65
CA LEU B 33 29.11 3.14 -34.91
C LEU B 33 28.17 3.76 -35.97
N ARG B 34 28.03 5.08 -35.95
CA ARG B 34 27.25 5.76 -36.99
C ARG B 34 27.80 5.53 -38.40
N LEU B 35 29.13 5.55 -38.51
CA LEU B 35 29.79 5.31 -39.79
C LEU B 35 29.50 3.91 -40.30
N CYS B 36 29.48 2.95 -39.38
CA CYS B 36 29.13 1.58 -39.73
C CYS B 36 27.69 1.49 -40.19
N LEU B 37 26.77 2.13 -39.45
CA LEU B 37 25.36 2.10 -39.80
C LEU B 37 25.11 2.66 -41.20
N LYS B 38 25.86 3.71 -41.52
CA LYS B 38 25.71 4.45 -42.77
C LYS B 38 26.01 3.58 -43.97
N ARG B 39 26.92 2.64 -43.81
CA ARG B 39 27.36 1.81 -44.92
C ARG B 39 26.30 0.80 -45.34
N ILE B 40 25.40 0.45 -44.43
CA ILE B 40 24.36 -0.50 -44.78
C ILE B 40 22.99 0.16 -44.87
N SER B 41 22.90 1.40 -44.37
CA SER B 41 21.66 2.16 -44.45
C SER B 41 21.96 3.65 -44.52
N PRO B 42 21.55 4.30 -45.62
CA PRO B 42 21.78 5.74 -45.75
C PRO B 42 20.91 6.58 -44.81
N ASP B 43 19.66 6.18 -44.62
CA ASP B 43 18.71 7.03 -43.91
C ASP B 43 18.38 6.60 -42.47
N ALA B 44 18.91 5.48 -41.99
CA ALA B 44 18.78 5.14 -40.56
C ALA B 44 19.57 6.14 -39.73
N GLU B 45 19.18 6.30 -38.46
CA GLU B 45 19.87 7.23 -37.57
C GLU B 45 20.16 6.55 -36.25
N LEU B 46 21.38 6.74 -35.76
CA LEU B 46 21.80 6.15 -34.50
C LEU B 46 21.94 7.27 -33.47
N VAL B 47 21.14 7.22 -32.42
CA VAL B 47 21.16 8.26 -31.38
C VAL B 47 21.42 7.67 -30.01
N ALA B 48 22.00 8.48 -29.13
CA ALA B 48 22.03 8.14 -27.71
C ALA B 48 20.59 8.26 -27.20
N PHE B 49 20.16 7.31 -26.37
CA PHE B 49 18.75 7.29 -25.97
C PHE B 49 18.59 7.19 -24.47
N GLY B 50 18.36 8.32 -23.81
CA GLY B 50 18.23 8.31 -22.35
C GLY B 50 19.55 7.97 -21.67
N SER B 51 20.63 8.47 -22.25
CA SER B 51 21.93 8.00 -21.89
C SER B 51 22.95 9.11 -21.87
N LEU B 52 23.97 8.94 -22.70
CA LEU B 52 25.07 9.91 -22.83
C LEU B 52 24.62 11.35 -23.06
N GLU B 53 23.50 11.52 -23.76
CA GLU B 53 23.08 12.83 -24.20
C GLU B 53 22.50 13.66 -23.03
N SER B 54 22.20 12.99 -21.92
CA SER B 54 21.56 13.69 -20.80
C SER B 54 22.19 13.42 -19.45
N GLY B 55 23.42 12.93 -19.46
CA GLY B 55 24.09 12.60 -18.22
C GLY B 55 23.50 11.41 -17.48
N LEU B 56 22.90 10.47 -18.21
CA LEU B 56 22.26 9.32 -17.58
C LEU B 56 22.94 7.99 -17.89
N ALA B 57 24.17 8.04 -18.37
CA ALA B 57 24.96 6.83 -18.60
C ALA B 57 25.76 6.44 -17.34
N LEU B 58 25.91 5.13 -17.12
CA LEU B 58 26.70 4.59 -15.99
C LEU B 58 28.13 4.33 -16.39
N LYS B 59 29.05 4.56 -15.45
CA LYS B 59 30.44 4.23 -15.64
C LYS B 59 30.62 2.75 -15.93
N ASN B 60 31.54 2.44 -16.85
CA ASN B 60 31.93 1.05 -17.13
C ASN B 60 30.72 0.16 -17.41
N SER B 61 29.80 0.69 -18.20
CA SER B 61 28.54 0.02 -18.50
C SER B 61 28.10 0.36 -19.91
N ASP B 62 27.04 -0.32 -20.37
CA ASP B 62 26.40 0.01 -21.64
C ASP B 62 26.04 1.47 -21.79
N MET B 63 26.28 2.06 -22.94
CA MET B 63 25.49 3.24 -23.26
C MET B 63 24.26 2.77 -24.07
N ASP B 64 23.12 3.39 -23.80
CA ASP B 64 21.87 3.00 -24.46
C ASP B 64 21.71 3.79 -25.74
N LEU B 65 21.64 3.07 -26.85
CA LEU B 65 21.50 3.69 -28.17
C LEU B 65 20.26 3.18 -28.86
N CYS B 66 19.82 3.92 -29.88
CA CYS B 66 18.67 3.50 -30.64
C CYS B 66 18.89 3.79 -32.11
N VAL B 67 18.55 2.82 -32.95
CA VAL B 67 18.57 3.01 -34.39
C VAL B 67 17.17 3.43 -34.83
N LEU B 68 17.07 4.57 -35.52
CA LEU B 68 15.77 5.11 -35.90
C LEU B 68 15.52 4.99 -37.39
N MET B 69 14.32 4.52 -37.75
CA MET B 69 13.85 4.59 -39.12
C MET B 69 12.42 5.13 -39.18
N ASP B 70 11.81 5.19 -40.36
CA ASP B 70 10.48 5.79 -40.47
C ASP B 70 9.43 5.04 -39.65
N SER B 71 9.58 3.72 -39.55
CA SER B 71 8.69 2.92 -38.73
C SER B 71 9.50 1.95 -37.88
N ARG B 72 8.91 1.47 -36.79
CA ARG B 72 9.59 0.54 -35.92
C ARG B 72 9.79 -0.78 -36.63
N VAL B 73 8.85 -1.16 -37.49
CA VAL B 73 8.98 -2.43 -38.22
C VAL B 73 10.22 -2.34 -39.11
N GLN B 74 10.34 -1.19 -39.77
CA GLN B 74 11.46 -0.91 -40.66
C GLN B 74 12.81 -0.97 -39.94
N SER B 75 12.84 -0.45 -38.72
CA SER B 75 14.08 -0.44 -37.97
C SER B 75 14.40 -1.87 -37.52
N ASP B 76 13.38 -2.57 -37.00
CA ASP B 76 13.54 -3.99 -36.60
C ASP B 76 14.14 -4.81 -37.74
N THR B 77 13.76 -4.48 -38.97
CA THR B 77 14.16 -5.24 -40.16
C THR B 77 15.62 -4.99 -40.54
N ILE B 78 16.18 -3.84 -40.15
CA ILE B 78 17.58 -3.49 -40.42
C ILE B 78 18.55 -4.05 -39.37
N ALA B 79 18.03 -4.52 -38.25
CA ALA B 79 18.87 -4.87 -37.09
C ALA B 79 19.92 -5.93 -37.40
N LEU B 80 19.52 -7.03 -38.04
CA LEU B 80 20.48 -8.08 -38.34
C LEU B 80 21.55 -7.63 -39.35
N GLN B 81 21.17 -6.82 -40.34
CA GLN B 81 22.13 -6.28 -41.30
C GLN B 81 23.19 -5.46 -40.57
N PHE B 82 22.74 -4.63 -39.64
CA PHE B 82 23.63 -3.78 -38.84
C PHE B 82 24.59 -4.65 -38.04
N TYR B 83 24.05 -5.64 -37.33
CA TYR B 83 24.87 -6.59 -36.57
C TYR B 83 25.89 -7.30 -37.46
N GLU B 84 25.46 -7.74 -38.65
CA GLU B 84 26.37 -8.37 -39.61
C GLU B 84 27.53 -7.45 -39.94
N GLU B 85 27.23 -6.18 -40.15
CA GLU B 85 28.27 -5.21 -40.49
C GLU B 85 29.22 -5.04 -39.31
N LEU B 86 28.65 -4.94 -38.12
CA LEU B 86 29.43 -4.70 -36.92
C LEU B 86 30.47 -5.78 -36.66
N ILE B 87 30.06 -7.05 -36.70
CA ILE B 87 31.04 -8.10 -36.41
C ILE B 87 32.00 -8.29 -37.58
N ALA B 88 31.61 -7.88 -38.78
CA ALA B 88 32.51 -7.91 -39.92
C ALA B 88 33.63 -6.89 -39.73
N GLU B 89 33.33 -5.82 -39.00
CA GLU B 89 34.30 -4.79 -38.68
C GLU B 89 35.17 -5.16 -37.49
N GLY B 90 34.81 -6.25 -36.82
CA GLY B 90 35.63 -6.74 -35.72
C GLY B 90 35.08 -6.41 -34.35
N PHE B 91 33.87 -5.88 -34.30
CA PHE B 91 33.19 -5.67 -33.02
C PHE B 91 32.70 -7.00 -32.48
N GLU B 92 32.63 -7.12 -31.16
CA GLU B 92 32.14 -8.33 -30.54
C GLU B 92 30.85 -8.05 -29.78
N GLY B 93 30.03 -9.08 -29.67
CA GLY B 93 28.83 -9.00 -28.85
C GLY B 93 27.71 -9.88 -29.37
N ALA B 94 26.51 -9.54 -28.91
CA ALA B 94 25.38 -10.42 -29.07
C ALA B 94 24.25 -9.80 -29.86
N PHE B 95 23.58 -10.62 -30.66
CA PHE B 95 22.30 -10.29 -31.22
C PHE B 95 21.27 -11.07 -30.44
N LEU B 96 20.30 -10.35 -29.88
CA LEU B 96 19.32 -10.92 -29.00
C LEU B 96 17.93 -10.78 -29.58
N GLN B 97 17.23 -11.90 -29.72
CA GLN B 97 15.89 -11.87 -30.28
C GLN B 97 14.87 -12.62 -29.40
N ALA B 98 13.94 -11.85 -28.85
CA ALA B 98 12.88 -12.40 -28.00
C ALA B 98 11.54 -11.69 -28.25
N ALA B 99 10.48 -12.46 -28.39
CA ALA B 99 9.14 -11.90 -28.60
C ALA B 99 9.12 -10.92 -29.78
N ARG B 100 9.87 -11.25 -30.83
CA ARG B 100 9.92 -10.49 -32.08
C ARG B 100 10.70 -9.19 -31.99
N ILE B 101 11.36 -8.95 -30.85
CA ILE B 101 12.13 -7.72 -30.66
C ILE B 101 13.63 -7.98 -30.73
N PRO B 102 14.33 -7.25 -31.61
CA PRO B 102 15.79 -7.35 -31.76
C PRO B 102 16.55 -6.36 -30.86
N ILE B 103 17.61 -6.84 -30.22
CA ILE B 103 18.52 -5.98 -29.46
C ILE B 103 19.95 -6.35 -29.80
N ILE B 104 20.80 -5.34 -29.98
CA ILE B 104 22.22 -5.61 -30.14
C ILE B 104 22.95 -5.18 -28.87
N LYS B 105 23.77 -6.07 -28.34
CA LYS B 105 24.60 -5.75 -27.18
C LYS B 105 26.06 -5.87 -27.58
N LEU B 106 26.76 -4.74 -27.73
CA LEU B 106 28.17 -4.82 -28.05
C LEU B 106 28.96 -4.89 -26.76
N THR B 107 29.95 -5.78 -26.71
CA THR B 107 30.77 -5.98 -25.53
C THR B 107 32.13 -5.31 -25.71
N ALA B 116 36.40 -0.57 -24.21
CA ALA B 116 35.39 -0.47 -23.17
C ALA B 116 34.32 0.58 -23.53
N SER B 117 34.71 1.59 -24.29
CA SER B 117 33.79 2.66 -24.66
C SER B 117 32.80 2.26 -25.75
N PHE B 118 33.00 1.07 -26.33
CA PHE B 118 32.09 0.57 -27.35
C PHE B 118 31.02 -0.33 -26.75
N GLN B 119 31.04 -0.48 -25.43
CA GLN B 119 30.02 -1.26 -24.75
C GLN B 119 28.66 -0.56 -24.89
N CYS B 120 27.68 -1.22 -25.49
CA CYS B 120 26.39 -0.58 -25.67
C CYS B 120 25.22 -1.54 -25.83
N ASP B 121 24.03 -1.01 -25.58
CA ASP B 121 22.78 -1.70 -25.79
C ASP B 121 22.05 -0.95 -26.90
N ILE B 122 21.74 -1.62 -28.01
CA ILE B 122 21.14 -0.93 -29.15
C ILE B 122 19.75 -1.45 -29.45
N GLY B 123 18.76 -0.56 -29.35
CA GLY B 123 17.38 -0.83 -29.69
C GLY B 123 17.01 -0.25 -31.04
N PHE B 124 15.79 -0.57 -31.49
CA PHE B 124 15.33 -0.24 -32.85
C PHE B 124 13.95 0.42 -32.72
N ASN B 125 13.81 1.63 -33.26
CA ASN B 125 12.57 2.39 -33.06
C ASN B 125 12.27 3.28 -34.24
N ASN B 126 11.15 4.00 -34.17
CA ASN B 126 10.81 4.96 -35.21
C ASN B 126 11.41 6.34 -34.86
N ARG B 127 11.27 7.30 -35.77
CA ARG B 127 11.94 8.60 -35.61
C ARG B 127 11.32 9.45 -34.53
N LEU B 128 10.10 9.10 -34.16
CA LEU B 128 9.42 9.75 -33.03
C LEU B 128 10.24 9.69 -31.73
N ALA B 129 11.09 8.67 -31.63
CA ALA B 129 11.88 8.44 -30.42
C ALA B 129 12.81 9.60 -30.07
N ILE B 130 13.18 10.40 -31.06
CA ILE B 130 14.04 11.54 -30.78
C ILE B 130 13.37 12.50 -29.80
N HIS B 131 12.05 12.60 -29.84
CA HIS B 131 11.32 13.50 -28.91
C HIS B 131 11.31 12.96 -27.49
N ASN B 132 11.34 11.65 -27.34
CA ASN B 132 11.54 11.09 -26.00
C ASN B 132 12.84 11.62 -25.37
N THR B 133 13.88 11.73 -26.18
CA THR B 133 15.16 12.14 -25.60
C THR B 133 15.13 13.63 -25.30
N LEU B 134 14.43 14.40 -26.12
CA LEU B 134 14.33 15.85 -25.86
C LEU B 134 13.57 16.12 -24.57
N LEU B 135 12.47 15.40 -24.37
CA LEU B 135 11.68 15.54 -23.16
C LEU B 135 12.51 15.16 -21.94
N LEU B 136 13.21 14.05 -22.01
CA LEU B 136 14.01 13.59 -20.88
C LEU B 136 15.13 14.55 -20.57
N SER B 137 15.80 15.01 -21.62
CA SER B 137 16.85 16.02 -21.46
C SER B 137 16.34 17.25 -20.71
N SER B 138 15.14 17.71 -21.07
CA SER B 138 14.56 18.86 -20.38
C SER B 138 14.39 18.60 -18.90
N TYR B 139 13.87 17.43 -18.55
CA TYR B 139 13.69 17.10 -17.12
C TYR B 139 15.03 17.05 -16.37
N THR B 140 16.11 16.58 -17.01
CA THR B 140 17.39 16.52 -16.31
C THR B 140 17.93 17.92 -16.07
N LYS B 141 17.46 18.90 -16.86
CA LYS B 141 17.92 20.28 -16.69
C LYS B 141 17.09 21.06 -15.68
N LEU B 142 15.92 20.55 -15.34
CA LEU B 142 14.95 21.28 -14.50
C LEU B 142 15.16 21.07 -13.00
N ASP B 143 15.66 19.90 -12.62
CA ASP B 143 15.91 19.64 -11.19
C ASP B 143 17.17 18.79 -10.99
N ALA B 144 18.09 19.30 -10.18
CA ALA B 144 19.39 18.64 -9.98
C ALA B 144 19.30 17.23 -9.37
N ARG B 145 18.18 16.90 -8.71
CA ARG B 145 18.04 15.58 -8.09
C ARG B 145 17.81 14.47 -9.11
N LEU B 146 17.37 14.82 -10.32
CA LEU B 146 16.97 13.75 -11.25
C LEU B 146 18.15 12.89 -11.74
N LYS B 147 19.25 13.49 -12.21
CA LYS B 147 20.35 12.63 -12.73
C LYS B 147 20.87 11.62 -11.69
N PRO B 148 21.12 12.06 -10.45
CA PRO B 148 21.58 11.04 -9.49
C PRO B 148 20.48 10.02 -9.19
N MET B 149 19.24 10.45 -9.12
CA MET B 149 18.21 9.49 -8.77
C MET B 149 18.09 8.44 -9.88
N VAL B 150 18.16 8.89 -11.12
CA VAL B 150 18.12 7.94 -12.26
C VAL B 150 19.34 7.00 -12.27
N LEU B 151 20.55 7.53 -12.06
CA LEU B 151 21.74 6.66 -12.11
C LEU B 151 21.64 5.62 -11.03
N LEU B 152 21.18 6.03 -9.85
CA LEU B 152 21.08 5.09 -8.73
C LEU B 152 20.06 3.99 -9.00
N VAL B 153 18.93 4.36 -9.59
CA VAL B 153 17.94 3.36 -9.96
C VAL B 153 18.47 2.44 -11.08
N LYS B 154 19.18 2.99 -12.07
CA LYS B 154 19.74 2.11 -13.12
C LYS B 154 20.78 1.16 -12.54
N HIS B 155 21.60 1.67 -11.64
CA HIS B 155 22.65 0.87 -10.98
C HIS B 155 21.99 -0.26 -10.21
N TRP B 156 20.98 0.06 -9.40
CA TRP B 156 20.21 -0.95 -8.68
C TRP B 156 19.60 -1.99 -9.60
N ALA B 157 18.91 -1.54 -10.65
CA ALA B 157 18.22 -2.49 -11.53
C ALA B 157 19.21 -3.40 -12.25
N LYS B 158 20.37 -2.86 -12.63
CA LYS B 158 21.39 -3.69 -13.28
C LYS B 158 21.95 -4.73 -12.31
N ARG B 159 22.28 -4.29 -11.10
CA ARG B 159 22.85 -5.19 -10.09
C ARG B 159 21.88 -6.29 -9.66
N LYS B 160 20.58 -5.97 -9.61
CA LYS B 160 19.58 -6.95 -9.18
C LYS B 160 19.04 -7.77 -10.36
N GLN B 161 19.66 -7.63 -11.51
CA GLN B 161 19.33 -8.44 -12.69
C GLN B 161 17.86 -8.28 -13.09
N ILE B 162 17.33 -7.05 -13.00
CA ILE B 162 15.96 -6.80 -13.45
C ILE B 162 15.95 -5.74 -14.57
N ASN B 163 17.06 -5.67 -15.29
CA ASN B 163 17.23 -4.67 -16.36
C ASN B 163 17.57 -5.39 -17.67
N SER B 164 16.87 -6.50 -17.92
CA SER B 164 17.11 -7.31 -19.11
C SER B 164 15.82 -7.65 -19.85
N PRO B 165 15.39 -6.81 -20.79
CA PRO B 165 14.24 -7.12 -21.66
C PRO B 165 14.27 -8.51 -22.24
N TYR B 166 15.45 -8.93 -22.66
CA TYR B 166 15.60 -10.24 -23.32
C TYR B 166 15.16 -11.38 -22.40
N PHE B 167 15.37 -11.18 -21.10
CA PHE B 167 15.04 -12.19 -20.11
C PHE B 167 13.77 -11.84 -19.35
N GLY B 168 13.00 -10.91 -19.90
CA GLY B 168 11.65 -10.66 -19.42
C GLY B 168 11.53 -9.60 -18.34
N THR B 169 12.58 -8.82 -18.13
CA THR B 169 12.43 -7.65 -17.26
C THR B 169 12.46 -6.37 -18.10
N LEU B 170 12.91 -5.25 -17.52
CA LEU B 170 12.57 -3.92 -18.04
C LEU B 170 13.78 -3.12 -18.57
N SER B 171 13.57 -2.36 -19.63
CA SER B 171 14.65 -1.59 -20.23
C SER B 171 15.02 -0.44 -19.32
N SER B 172 16.20 0.11 -19.54
CA SER B 172 16.65 1.25 -18.74
C SER B 172 15.69 2.44 -18.91
N TYR B 173 15.21 2.67 -20.14
CA TYR B 173 14.27 3.76 -20.34
C TYR B 173 12.98 3.50 -19.58
N GLY B 174 12.55 2.24 -19.47
CA GLY B 174 11.39 1.93 -18.64
C GLY B 174 11.56 2.41 -17.18
N TYR B 175 12.74 2.18 -16.62
CA TYR B 175 13.01 2.60 -15.23
C TYR B 175 13.04 4.13 -15.16
N VAL B 176 13.57 4.76 -16.22
CA VAL B 176 13.57 6.24 -16.22
C VAL B 176 12.14 6.77 -16.18
N LEU B 177 11.26 6.18 -17.00
CA LEU B 177 9.87 6.60 -16.94
C LEU B 177 9.21 6.28 -15.61
N MET B 178 9.60 5.17 -14.96
CA MET B 178 8.99 4.90 -13.65
C MET B 178 9.39 6.00 -12.65
N VAL B 179 10.63 6.45 -12.76
CA VAL B 179 11.14 7.50 -11.88
C VAL B 179 10.38 8.81 -12.19
N LEU B 180 10.29 9.18 -13.46
CA LEU B 180 9.60 10.45 -13.78
C LEU B 180 8.15 10.42 -13.39
N TYR B 181 7.48 9.29 -13.60
CA TYR B 181 6.06 9.18 -13.23
C TYR B 181 5.88 9.43 -11.73
N TYR B 182 6.76 8.81 -10.93
CA TYR B 182 6.72 9.01 -9.49
C TYR B 182 6.94 10.49 -9.13
N LEU B 183 7.94 11.11 -9.77
CA LEU B 183 8.30 12.51 -9.40
C LEU B 183 7.28 13.51 -9.90
N ILE B 184 6.53 13.15 -10.94
CA ILE B 184 5.55 14.10 -11.50
C ILE B 184 4.17 13.92 -10.87
N HIS B 185 3.70 12.66 -10.82
CA HIS B 185 2.31 12.40 -10.52
C HIS B 185 2.03 11.72 -9.19
N VAL B 186 3.06 11.23 -8.49
CA VAL B 186 2.81 10.52 -7.23
C VAL B 186 3.21 11.38 -6.04
N ILE B 187 4.47 11.80 -5.99
CA ILE B 187 4.96 12.50 -4.81
C ILE B 187 4.29 13.84 -4.67
N LYS B 188 3.96 14.21 -3.43
CA LYS B 188 3.34 15.50 -3.17
C LYS B 188 4.18 16.21 -2.10
N PRO B 189 4.56 17.48 -2.36
CA PRO B 189 4.44 18.26 -3.58
C PRO B 189 5.18 17.59 -4.73
N PRO B 190 4.71 17.78 -5.95
CA PRO B 190 5.40 17.19 -7.08
C PRO B 190 6.81 17.75 -7.20
N VAL B 191 7.76 16.93 -7.62
CA VAL B 191 9.11 17.39 -7.92
C VAL B 191 9.12 18.17 -9.23
N PHE B 192 8.32 17.67 -10.17
CA PHE B 192 8.24 18.16 -11.53
C PHE B 192 6.79 18.43 -11.96
N PRO B 193 6.58 19.44 -12.82
CA PRO B 193 5.33 19.52 -13.58
C PRO B 193 5.38 18.57 -14.76
N ASN B 194 4.21 18.26 -15.30
CA ASN B 194 4.12 17.47 -16.51
C ASN B 194 4.22 18.42 -17.71
N LEU B 195 5.36 18.42 -18.40
CA LEU B 195 5.60 19.41 -19.44
C LEU B 195 4.73 19.17 -20.68
N LEU B 196 4.25 17.94 -20.85
CA LEU B 196 3.34 17.66 -21.95
C LEU B 196 1.95 18.29 -21.78
N LEU B 197 1.53 18.48 -20.52
CA LEU B 197 0.17 18.92 -20.20
C LEU B 197 0.11 20.34 -19.64
N SER B 198 1.27 20.97 -19.59
CA SER B 198 1.38 22.38 -19.20
C SER B 198 0.51 23.31 -20.04
N PRO B 199 -0.12 24.31 -19.38
CA PRO B 199 -0.89 25.32 -20.11
C PRO B 199 -0.04 26.05 -21.15
N LEU B 200 1.27 26.05 -20.98
CA LEU B 200 2.18 26.74 -21.89
C LEU B 200 2.62 25.86 -23.06
N LYS B 201 2.32 24.57 -22.98
CA LYS B 201 2.63 23.66 -24.08
C LYS B 201 1.81 24.01 -25.30
N GLN B 202 2.46 23.94 -26.46
CA GLN B 202 1.80 24.19 -27.72
C GLN B 202 1.88 22.93 -28.57
N GLU B 203 0.83 22.69 -29.34
CA GLU B 203 0.81 21.58 -30.29
C GLU B 203 2.02 21.67 -31.21
N LYS B 204 2.66 20.54 -31.47
CA LYS B 204 3.73 20.48 -32.43
C LYS B 204 3.64 19.17 -33.18
N ILE B 205 3.20 19.27 -34.42
CA ILE B 205 2.92 18.09 -35.21
C ILE B 205 4.12 17.61 -36.01
N VAL B 206 4.47 16.35 -35.78
CA VAL B 206 5.55 15.68 -36.49
C VAL B 206 5.04 14.32 -36.93
N ASP B 207 4.94 14.10 -38.23
CA ASP B 207 4.43 12.82 -38.76
C ASP B 207 3.07 12.46 -38.17
N GLY B 208 2.17 13.44 -38.13
CA GLY B 208 0.84 13.24 -37.57
C GLY B 208 0.76 13.03 -36.06
N PHE B 209 1.89 13.13 -35.36
CA PHE B 209 1.90 13.00 -33.91
C PHE B 209 2.15 14.35 -33.24
N ASP B 210 1.51 14.56 -32.10
CA ASP B 210 1.75 15.75 -31.29
C ASP B 210 2.91 15.47 -30.35
N VAL B 211 4.01 16.18 -30.55
CA VAL B 211 5.20 15.98 -29.74
C VAL B 211 5.54 17.26 -28.98
N GLY B 212 4.60 18.21 -28.96
CA GLY B 212 4.81 19.44 -28.19
C GLY B 212 4.93 19.25 -26.68
N PHE B 213 5.78 20.07 -26.07
CA PHE B 213 5.82 20.15 -24.61
C PHE B 213 6.40 21.51 -24.26
N ASP B 214 6.20 21.94 -23.02
CA ASP B 214 6.71 23.25 -22.59
C ASP B 214 8.20 23.14 -22.43
N ASP B 215 8.95 23.71 -23.36
CA ASP B 215 10.39 23.54 -23.33
C ASP B 215 11.10 24.85 -22.98
N LYS B 216 10.32 25.88 -22.64
CA LYS B 216 10.90 27.13 -22.15
C LYS B 216 11.28 26.99 -20.67
N LEU B 217 12.35 26.26 -20.42
CA LEU B 217 12.69 25.79 -19.09
C LEU B 217 13.08 26.92 -18.16
N GLU B 218 13.67 27.97 -18.72
CA GLU B 218 14.18 29.07 -17.90
C GLU B 218 13.06 29.71 -17.06
N ASP B 219 11.82 29.61 -17.54
CA ASP B 219 10.66 30.23 -16.89
C ASP B 219 9.93 29.34 -15.89
N ILE B 220 10.20 28.04 -15.93
CA ILE B 220 9.59 27.13 -14.98
C ILE B 220 10.13 27.39 -13.60
N PRO B 221 9.23 27.57 -12.64
CA PRO B 221 9.64 27.87 -11.26
C PRO B 221 10.42 26.71 -10.65
N PRO B 222 11.22 27.02 -9.63
CA PRO B 222 11.88 25.94 -8.88
C PRO B 222 10.84 24.99 -8.31
N SER B 223 11.25 23.74 -8.13
CA SER B 223 10.39 22.72 -7.53
C SER B 223 9.77 23.21 -6.21
N GLN B 224 8.52 22.84 -5.98
CA GLN B 224 7.88 23.03 -4.67
C GLN B 224 8.18 21.88 -3.70
N ASN B 225 8.89 20.87 -4.17
CA ASN B 225 9.27 19.75 -3.33
C ASN B 225 10.68 19.93 -2.82
N TYR B 226 10.85 19.94 -1.49
CA TYR B 226 12.16 20.25 -0.90
C TYR B 226 12.82 19.02 -0.26
N SER B 227 12.38 17.83 -0.64
CA SER B 227 12.89 16.61 -0.03
C SER B 227 14.29 16.26 -0.50
N SER B 228 15.03 15.53 0.32
CA SER B 228 16.36 15.07 -0.03
C SER B 228 16.31 13.98 -1.08
N LEU B 229 17.44 13.75 -1.73
CA LEU B 229 17.57 12.65 -2.69
C LEU B 229 17.26 11.31 -2.03
N GLY B 230 17.77 11.13 -0.82
CA GLY B 230 17.49 9.92 -0.08
C GLY B 230 15.99 9.73 0.16
N SER B 231 15.31 10.79 0.57
CA SER B 231 13.86 10.74 0.78
C SER B 231 13.12 10.35 -0.49
N LEU B 232 13.50 11.00 -1.58
CA LEU B 232 12.88 10.69 -2.89
C LEU B 232 13.04 9.22 -3.25
N LEU B 233 14.26 8.71 -3.10
CA LEU B 233 14.54 7.33 -3.52
C LEU B 233 13.78 6.38 -2.63
N HIS B 234 13.74 6.69 -1.34
CA HIS B 234 13.04 5.83 -0.40
C HIS B 234 11.57 5.77 -0.77
N GLY B 235 11.00 6.92 -1.13
CA GLY B 235 9.60 6.98 -1.50
C GLY B 235 9.32 6.28 -2.82
N PHE B 236 10.27 6.40 -3.75
CA PHE B 236 10.17 5.71 -5.06
C PHE B 236 10.11 4.20 -4.85
N PHE B 237 10.98 3.68 -4.00
CA PHE B 237 11.01 2.23 -3.84
C PHE B 237 9.72 1.76 -3.17
N ALA B 238 9.27 2.51 -2.18
CA ALA B 238 8.13 2.10 -1.39
C ALA B 238 6.85 2.18 -2.25
N PHE B 239 6.81 3.15 -3.16
CA PHE B 239 5.63 3.30 -4.00
C PHE B 239 5.44 2.08 -4.90
N TYR B 240 6.48 1.70 -5.63
CA TYR B 240 6.32 0.57 -6.53
C TYR B 240 6.32 -0.76 -5.79
N ALA B 241 6.89 -0.81 -4.59
CA ALA B 241 6.82 -2.02 -3.79
C ALA B 241 5.39 -2.33 -3.34
N TYR B 242 4.70 -1.30 -2.82
CA TYR B 242 3.50 -1.54 -2.03
C TYR B 242 2.23 -0.86 -2.52
N ALA B 243 2.37 0.23 -3.27
CA ALA B 243 1.24 1.09 -3.58
C ALA B 243 0.76 0.92 -5.01
N PHE B 244 1.70 0.94 -5.95
CA PHE B 244 1.31 0.85 -7.36
C PHE B 244 0.68 -0.50 -7.65
N GLU B 245 -0.35 -0.51 -8.48
CA GLU B 245 -1.11 -1.73 -8.76
C GLU B 245 -0.92 -2.11 -10.21
N PRO B 246 0.16 -2.84 -10.52
CA PRO B 246 0.49 -3.09 -11.92
C PRO B 246 -0.51 -3.98 -12.64
N ARG B 247 -1.34 -4.75 -11.93
CA ARG B 247 -2.34 -5.57 -12.60
C ARG B 247 -3.44 -4.73 -13.25
N GLU B 248 -3.70 -3.54 -12.73
CA GLU B 248 -4.86 -2.78 -13.21
C GLU B 248 -4.53 -1.41 -13.76
N LYS B 249 -3.40 -0.86 -13.34
CA LYS B 249 -3.12 0.54 -13.58
C LYS B 249 -1.98 0.74 -14.57
N VAL B 250 -1.95 1.90 -15.22
CA VAL B 250 -0.96 2.20 -16.24
C VAL B 250 -0.09 3.39 -15.83
N VAL B 251 1.22 3.26 -16.01
CA VAL B 251 2.13 4.41 -15.85
C VAL B 251 1.91 5.30 -17.07
N THR B 252 1.51 6.55 -16.85
CA THR B 252 1.10 7.41 -17.96
C THR B 252 1.57 8.84 -17.71
N PHE B 253 1.85 9.55 -18.80
CA PHE B 253 2.19 10.99 -18.74
C PHE B 253 1.14 11.80 -19.46
N ARG B 254 0.01 11.18 -19.78
CA ARG B 254 -1.01 11.87 -20.55
C ARG B 254 -2.32 12.16 -19.77
N ARG B 255 -2.29 12.04 -18.44
CA ARG B 255 -3.45 12.44 -17.62
C ARG B 255 -2.98 13.43 -16.55
N PRO B 256 -3.81 14.42 -16.26
CA PRO B 256 -3.37 15.47 -15.31
C PRO B 256 -3.02 14.93 -13.94
N ASP B 257 -3.71 13.86 -13.52
CA ASP B 257 -3.48 13.26 -12.22
C ASP B 257 -2.70 11.95 -12.29
N GLY B 258 -2.27 11.56 -13.49
CA GLY B 258 -1.54 10.31 -13.68
C GLY B 258 -2.36 9.06 -13.46
N TYR B 259 -3.69 9.20 -13.39
CA TYR B 259 -4.58 8.06 -13.19
C TYR B 259 -5.11 7.50 -14.52
N LEU B 260 -4.76 6.25 -14.82
CA LEU B 260 -5.20 5.58 -16.04
C LEU B 260 -5.27 4.08 -15.81
N THR B 261 -6.42 3.47 -16.10
CA THR B 261 -6.55 2.03 -15.88
C THR B 261 -6.27 1.27 -17.17
N LYS B 262 -5.86 0.01 -17.05
CA LYS B 262 -5.66 -0.82 -18.23
C LYS B 262 -6.95 -1.04 -18.99
N GLN B 263 -8.07 -1.14 -18.27
CA GLN B 263 -9.40 -1.25 -18.88
C GLN B 263 -9.68 -0.11 -19.86
N GLU B 264 -9.51 1.14 -19.42
CA GLU B 264 -9.75 2.30 -20.28
C GLU B 264 -8.91 2.24 -21.55
N LYS B 265 -7.68 1.77 -21.36
CA LYS B 265 -6.66 1.71 -22.38
C LYS B 265 -6.90 0.59 -23.40
N GLY B 266 -7.72 -0.38 -23.02
CA GLY B 266 -7.86 -1.59 -23.80
C GLY B 266 -6.61 -2.45 -23.72
N TRP B 267 -5.90 -2.34 -22.59
CA TRP B 267 -4.67 -3.09 -22.39
C TRP B 267 -4.82 -4.19 -21.34
N THR B 268 -6.03 -4.72 -21.19
CA THR B 268 -6.25 -5.82 -20.25
C THR B 268 -5.88 -7.15 -20.90
N ARG B 284 2.34 -7.57 -24.90
CA ARG B 284 2.20 -7.82 -23.47
C ARG B 284 1.92 -6.54 -22.69
N TYR B 285 1.01 -6.63 -21.73
CA TYR B 285 0.68 -5.47 -20.91
C TYR B 285 0.74 -5.80 -19.44
N ILE B 286 1.50 -6.83 -19.10
CA ILE B 286 1.69 -7.23 -17.72
C ILE B 286 2.20 -6.08 -16.86
N LEU B 287 3.25 -5.39 -17.32
CA LEU B 287 3.62 -4.07 -16.76
C LEU B 287 3.34 -3.03 -17.84
N ALA B 288 2.44 -2.09 -17.56
CA ALA B 288 2.01 -1.14 -18.60
C ALA B 288 2.60 0.23 -18.35
N ILE B 289 3.48 0.67 -19.25
CA ILE B 289 4.11 2.01 -19.19
C ILE B 289 3.85 2.67 -20.54
N GLU B 290 2.89 3.58 -20.58
CA GLU B 290 2.46 4.20 -21.84
C GLU B 290 3.54 5.16 -22.35
N ASP B 291 4.06 4.91 -23.55
CA ASP B 291 5.05 5.83 -24.10
C ASP B 291 4.48 7.24 -24.19
N PRO B 292 5.26 8.25 -23.78
CA PRO B 292 4.69 9.61 -23.73
C PRO B 292 4.31 10.17 -25.09
N PHE B 293 4.93 9.71 -26.18
CA PHE B 293 4.61 10.28 -27.48
C PHE B 293 3.88 9.32 -28.40
N GLU B 294 4.25 8.04 -28.32
CA GLU B 294 3.57 7.04 -29.11
C GLU B 294 2.69 6.23 -28.17
N ILE B 295 1.48 6.72 -27.90
CA ILE B 295 0.73 6.20 -26.76
C ILE B 295 0.14 4.79 -26.97
N SER B 296 0.14 4.32 -28.21
CA SER B 296 -0.25 2.93 -28.46
C SER B 296 0.89 1.95 -28.10
N HIS B 297 2.03 2.49 -27.70
CA HIS B 297 3.22 1.69 -27.43
C HIS B 297 3.44 1.47 -25.92
N ASN B 298 3.58 0.21 -25.51
CA ASN B 298 3.95 -0.10 -24.13
C ASN B 298 5.46 -0.28 -23.96
N VAL B 299 6.10 0.66 -23.27
CA VAL B 299 7.53 0.54 -23.00
C VAL B 299 7.86 -0.70 -22.17
N GLY B 300 6.91 -1.15 -21.35
CA GLY B 300 7.09 -2.35 -20.58
C GLY B 300 6.69 -3.61 -21.30
N ARG B 301 6.58 -3.56 -22.63
CA ARG B 301 6.12 -4.75 -23.38
C ARG B 301 6.98 -6.00 -23.18
N THR B 302 8.20 -5.81 -22.71
CA THR B 302 9.14 -6.93 -22.57
C THR B 302 9.00 -7.68 -21.25
N VAL B 303 8.24 -7.10 -20.33
CA VAL B 303 8.15 -7.67 -18.98
C VAL B 303 7.19 -8.86 -18.95
N SER B 304 7.70 -10.00 -18.48
CA SER B 304 6.90 -11.21 -18.35
C SER B 304 6.27 -11.28 -16.95
N SER B 305 5.39 -12.26 -16.74
CA SER B 305 4.80 -12.50 -15.42
C SER B 305 5.89 -12.74 -14.40
N SER B 306 6.79 -13.64 -14.78
CA SER B 306 7.97 -13.98 -14.01
C SER B 306 8.89 -12.77 -13.78
N GLY B 307 9.12 -12.01 -14.84
CA GLY B 307 9.86 -10.76 -14.72
C GLY B 307 9.27 -9.73 -13.77
N LEU B 308 7.95 -9.53 -13.83
CA LEU B 308 7.30 -8.57 -12.94
C LEU B 308 7.36 -9.03 -11.49
N TYR B 309 7.26 -10.33 -11.28
CA TYR B 309 7.39 -10.89 -9.95
C TYR B 309 8.75 -10.55 -9.37
N ARG B 310 9.80 -10.68 -10.18
CA ARG B 310 11.17 -10.44 -9.72
C ARG B 310 11.37 -8.96 -9.44
N ILE B 311 10.85 -8.13 -10.34
CA ILE B 311 10.92 -6.67 -10.18
C ILE B 311 10.23 -6.23 -8.89
N ARG B 312 9.02 -6.71 -8.67
CA ARG B 312 8.24 -6.36 -7.47
C ARG B 312 8.97 -6.85 -6.23
N GLY B 313 9.51 -8.07 -6.31
CA GLY B 313 10.30 -8.60 -5.22
C GLY B 313 11.49 -7.73 -4.87
N GLU B 314 12.19 -7.20 -5.87
CA GLU B 314 13.34 -6.36 -5.57
C GLU B 314 12.89 -4.99 -5.03
N PHE B 315 11.76 -4.46 -5.51
CA PHE B 315 11.25 -3.21 -4.93
C PHE B 315 10.93 -3.41 -3.44
N MET B 316 10.31 -4.54 -3.12
CA MET B 316 9.97 -4.81 -1.72
C MET B 316 11.24 -5.00 -0.89
N ALA B 317 12.22 -5.72 -1.42
CA ALA B 317 13.46 -5.93 -0.68
C ALA B 317 14.18 -4.62 -0.41
N ALA B 318 14.18 -3.71 -1.40
CA ALA B 318 14.79 -2.39 -1.24
C ALA B 318 14.08 -1.59 -0.15
N SER B 319 12.74 -1.60 -0.17
CA SER B 319 11.93 -0.91 0.85
C SER B 319 12.16 -1.48 2.23
N ARG B 320 12.17 -2.81 2.34
CA ARG B 320 12.41 -3.43 3.63
C ARG B 320 13.78 -3.03 4.20
N LEU B 321 14.78 -2.94 3.34
CA LEU B 321 16.12 -2.55 3.78
C LEU B 321 16.15 -1.13 4.33
N LEU B 322 15.52 -0.22 3.61
CA LEU B 322 15.55 1.20 3.99
C LEU B 322 14.70 1.46 5.22
N ASN B 323 13.76 0.58 5.53
CA ASN B 323 12.93 0.72 6.72
C ASN B 323 13.40 -0.17 7.88
N SER B 324 14.57 -0.78 7.72
CA SER B 324 15.03 -1.74 8.73
C SER B 324 15.39 -1.03 10.04
N ARG B 325 15.21 -1.75 11.14
CA ARG B 325 15.39 -1.19 12.49
C ARG B 325 16.80 -1.29 13.02
N SER B 326 17.62 -2.12 12.37
CA SER B 326 19.00 -2.28 12.81
C SER B 326 19.84 -1.11 12.35
N TYR B 327 20.74 -0.66 13.21
CA TYR B 327 21.62 0.45 12.90
C TYR B 327 23.09 0.09 13.14
N PRO B 328 23.98 0.50 12.24
CA PRO B 328 23.64 1.25 11.02
C PRO B 328 23.06 0.35 9.93
N ILE B 329 22.26 0.94 9.04
CA ILE B 329 21.69 0.21 7.92
C ILE B 329 22.76 -0.04 6.86
N PRO B 330 22.91 -1.30 6.41
CA PRO B 330 23.91 -1.62 5.38
C PRO B 330 23.38 -1.22 4.00
N TYR B 331 23.45 0.08 3.74
CA TYR B 331 22.92 0.61 2.48
C TYR B 331 23.57 -0.01 1.25
N ASP B 332 24.82 -0.46 1.40
CA ASP B 332 25.56 -1.13 0.34
C ASP B 332 24.81 -2.32 -0.25
N SER B 333 24.03 -2.99 0.57
CA SER B 333 23.33 -4.19 0.11
C SER B 333 22.30 -3.83 -0.97
N LEU B 334 21.91 -2.56 -1.03
CA LEU B 334 21.03 -2.08 -2.10
C LEU B 334 21.63 -2.30 -3.48
N PHE B 335 22.96 -2.28 -3.56
CA PHE B 335 23.61 -2.46 -4.87
C PHE B 335 24.42 -3.73 -4.98
N GLU B 336 24.26 -4.62 -4.00
CA GLU B 336 24.91 -5.92 -4.06
C GLU B 336 24.36 -6.68 -5.26
N GLU B 337 25.26 -7.23 -6.06
CA GLU B 337 24.87 -7.97 -7.25
C GLU B 337 24.10 -9.24 -6.91
N ALA B 338 22.93 -9.39 -7.52
CA ALA B 338 22.12 -10.60 -7.36
C ALA B 338 22.63 -11.71 -8.27
N PRO B 339 22.39 -12.97 -7.90
CA PRO B 339 22.77 -14.02 -8.84
C PRO B 339 21.90 -14.00 -10.09
N ILE B 340 22.41 -14.53 -11.19
CA ILE B 340 21.59 -14.66 -12.38
C ILE B 340 20.62 -15.82 -12.16
N PRO B 341 19.31 -15.55 -12.25
CA PRO B 341 18.29 -16.56 -11.99
C PRO B 341 18.15 -17.58 -13.12
C1 GOL C . -3.11 25.10 -26.81
O1 GOL C . -3.21 26.19 -27.71
C2 GOL C . -2.79 23.84 -27.60
O2 GOL C . -1.97 24.17 -28.72
C3 GOL C . -2.07 22.85 -26.68
O3 GOL C . -2.12 21.56 -27.26
C1 GOL D . 17.67 -4.64 -0.98
O1 GOL D . 18.22 -4.24 -2.21
C2 GOL D . 18.30 -5.95 -0.53
O2 GOL D . 19.42 -6.27 -1.32
C3 GOL D . 18.73 -5.83 0.93
O3 GOL D . 19.12 -7.10 1.38
#